data_3JBF
#
_entry.id   3JBF
#
_cell.length_a   1
_cell.length_b   1
_cell.length_c   1
_cell.angle_alpha   90
_cell.angle_beta   90
_cell.angle_gamma   90
#
_symmetry.space_group_name_H-M   'P 1'
#
loop_
_entity.id
_entity.type
_entity.pdbx_description
1 polymer 'Capsid protein VP1'
2 polymer 'Capsid protein VP2'
3 polymer 'Capsid protein VP3'
4 polymer 'Capsid protein VP4'
5 polymer 'nanobody VHH PVSP19B'
6 non-polymer 'PALMITIC ACID'
#
loop_
_entity_poly.entity_id
_entity_poly.type
_entity_poly.pdbx_seq_one_letter_code
_entity_poly.pdbx_strand_id
1 'polypeptide(L)'
;GLGQMLESMIDNTVRETVGAATSRDALPNTEASGPTHSKEIPALTAVETGATNPLVPSDTVQTRHVVQHRSRSESSIESF
FARGACVTIMTVDNPASTTNKDKLFAVWKITYKDTVQLRRKLEFFTYSRFDMELTFVVTANFTETNNGHALNQVYQIMYV
PPGAPVPEKWDDYTWQTSSNPSIFYTYGTAPARISVPYVGISNAYSHFYDGFSKVPLKDQSAALGDSLYGAASLNDFGIL
AVRVVNDHNPTKVTSKIRVYLKPKHIRVWCPRPPRAVAYYGPGVDYKDGTLTPLSTKDLTTY
;
1
2 'polypeptide(L)'
;SPNIEACGYSDRVLQLTLGNSTITTQEAANSVVAYGRWPEYLRDSEANPVDQPTEPDVAACRFYTLDTVSWTKESRGWWW
KLPDALRDMGLFGQNMYYHYLGRSGYTVHVQCNASKFHQGALGVFAVPEMCLAGDSNTTTMHTSYQNANPGEKGGTFTGT
FTPDNNQTSPARRFCPVDYLLGNGTLLGNAFVFPHQIINLRTNNCATLVLPYVNSLSIDSMVKHNNWGIAILPLAPLNFA
SESSPEIPITLTIAPMCCEFNGLRNITLPRLQ
;
2
3 'polypeptide(L)'
;GLPVMNTPGSNQYLTADNFQSPCALPEFDVTPPIDIPGEVKNMMELAEIDTMIPFDLSATKKNTMEMYRVRLSDKPHTDD
PILCLSLSPASDPRLSHTMLGEILNYYTHWAGSLKFTFLFCGSMMATGKLLVSYAPPGADPPKKRKEAMLGTHVIWDIGL
QSSCTMVVPWISNTTYRQTIDDSFTEGGYISVFYQTRIVVPLSTPREMDILGFVSACNDFSVRLLRDTTHIEQKALA
;
3
4 'polypeptide(L)' (MYR)GAQVSSQKVGAHENSNRAYGGSTINYTTINYYRDSASNAASKQDFSQDPSKFTEPIKDVLIKTAPMLN 4
5 'polypeptide(L)'
;QVQLQESGGGSVQAGGSLTLSCAASGITYCMGWYRQVRGKEREGVAFIKTNDGTTDYADSVKGRFTISQNHATKTVYLQM
NSLKPEDTAAYYCAATWRWSCPLDPEGYQYWGQGTQVTVSSHHHHHH
;
7
#
loop_
_chem_comp.id
_chem_comp.type
_chem_comp.name
_chem_comp.formula
MYR non-polymer 'MYRISTIC ACID' 'C14 H28 O2'
PLM non-polymer 'PALMITIC ACID' 'C16 H32 O2'
#
# COMPACT_ATOMS: atom_id res chain seq x y z
N ALA A 20 11.61 14.90 -20.59
CA ALA A 20 11.97 16.34 -20.38
C ALA A 20 11.69 16.85 -18.95
N ALA A 21 10.63 16.32 -18.38
CA ALA A 21 10.25 16.71 -17.04
C ALA A 21 11.06 15.89 -16.03
N THR A 22 11.71 16.60 -15.13
CA THR A 22 12.53 15.95 -14.12
C THR A 22 11.82 15.97 -12.76
N SER A 23 12.53 15.48 -11.76
CA SER A 23 11.99 15.44 -10.43
C SER A 23 11.87 16.80 -9.72
N ARG A 24 12.93 17.58 -9.84
CA ARG A 24 12.94 18.89 -9.23
C ARG A 24 12.29 20.06 -9.98
N ASP A 25 11.30 19.71 -10.79
CA ASP A 25 10.60 20.71 -11.56
C ASP A 25 9.33 21.18 -10.86
N ALA A 26 8.97 22.42 -11.13
CA ALA A 26 7.80 23.00 -10.54
C ALA A 26 6.52 22.47 -11.18
N LEU A 27 5.56 22.11 -10.33
CA LEU A 27 4.30 21.59 -10.80
C LEU A 27 3.46 22.58 -11.58
N PRO A 28 2.54 22.06 -12.38
CA PRO A 28 1.68 22.93 -13.17
C PRO A 28 1.04 24.17 -12.53
N ASN A 29 1.36 25.31 -13.11
CA ASN A 29 0.85 26.56 -12.62
C ASN A 29 -0.67 26.79 -12.74
N THR A 30 -1.27 27.15 -11.62
CA THR A 30 -2.68 27.39 -11.57
C THR A 30 -3.03 28.65 -12.39
N GLU A 31 -4.01 28.48 -13.25
CA GLU A 31 -4.44 29.56 -14.10
C GLU A 31 -5.72 30.22 -13.63
N ALA A 32 -5.77 31.54 -13.78
CA ALA A 32 -6.95 32.28 -13.36
C ALA A 32 -8.22 31.90 -14.15
N SER A 33 -9.25 31.58 -13.39
CA SER A 33 -10.51 31.20 -13.99
C SER A 33 -11.66 31.98 -13.34
N GLY A 34 -12.59 32.41 -14.18
CA GLY A 34 -13.72 33.17 -13.69
C GLY A 34 -15.09 32.54 -13.86
N PRO A 35 -16.12 33.35 -13.81
CA PRO A 35 -17.48 32.85 -13.95
C PRO A 35 -17.69 32.02 -15.21
N THR A 36 -18.64 31.11 -15.13
CA THR A 36 -18.94 30.25 -16.27
C THR A 36 -20.41 29.75 -16.36
N HIS A 37 -20.82 29.56 -17.60
CA HIS A 37 -22.14 29.10 -17.91
C HIS A 37 -21.91 28.62 -19.35
N SER A 38 -21.56 27.35 -19.45
CA SER A 38 -21.30 26.77 -20.77
C SER A 38 -21.78 25.33 -21.01
N LYS A 39 -21.48 24.84 -22.19
CA LYS A 39 -21.85 23.50 -22.55
C LYS A 39 -20.73 22.50 -22.19
N GLU A 40 -19.82 22.99 -21.36
CA GLU A 40 -18.72 22.20 -20.91
C GLU A 40 -19.06 21.63 -19.54
N ILE A 41 -18.71 20.38 -19.33
CA ILE A 41 -19.00 19.74 -18.06
C ILE A 41 -17.91 19.07 -17.20
N PRO A 42 -16.89 19.83 -16.89
CA PRO A 42 -15.80 19.27 -16.08
C PRO A 42 -16.17 18.36 -14.91
N ALA A 43 -17.08 18.82 -14.09
CA ALA A 43 -17.50 18.04 -12.94
C ALA A 43 -18.13 16.67 -13.17
N LEU A 44 -18.63 16.47 -14.38
CA LEU A 44 -19.25 15.19 -14.71
C LEU A 44 -18.41 14.09 -15.38
N THR A 45 -18.35 12.96 -14.70
CA THR A 45 -17.62 11.82 -15.15
C THR A 45 -18.51 10.56 -15.03
N ALA A 46 -17.85 9.43 -14.97
CA ALA A 46 -18.49 8.16 -14.86
C ALA A 46 -17.32 7.19 -14.70
N VAL A 47 -16.96 6.95 -13.46
CA VAL A 47 -15.85 6.05 -13.18
C VAL A 47 -15.95 4.63 -13.73
N GLU A 48 -16.97 4.41 -14.54
CA GLU A 48 -17.17 3.12 -15.16
C GLU A 48 -16.14 2.95 -16.28
N THR A 49 -15.66 4.08 -16.76
CA THR A 49 -14.68 4.09 -17.81
C THR A 49 -13.28 3.68 -17.35
N GLY A 50 -13.14 3.54 -16.06
CA GLY A 50 -11.86 3.15 -15.49
C GLY A 50 -10.95 4.39 -15.42
N ALA A 51 -11.23 5.33 -16.30
CA ALA A 51 -10.47 6.55 -16.36
C ALA A 51 -10.82 7.47 -15.17
N THR A 52 -9.77 8.02 -14.59
CA THR A 52 -9.89 8.91 -13.47
C THR A 52 -10.00 10.32 -14.08
N ASN A 53 -11.10 10.97 -13.74
CA ASN A 53 -11.34 12.31 -14.23
C ASN A 53 -10.24 13.26 -13.76
N PRO A 54 -9.63 13.95 -14.72
CA PRO A 54 -8.58 14.89 -14.37
C PRO A 54 -9.08 16.32 -14.17
N LEU A 55 -9.35 16.65 -12.92
CA LEU A 55 -9.83 17.98 -12.61
C LEU A 55 -8.88 18.80 -11.71
N VAL A 56 -8.45 19.91 -12.26
CA VAL A 56 -7.54 20.79 -11.54
C VAL A 56 -8.35 21.89 -10.88
N PRO A 57 -7.72 22.62 -9.98
CA PRO A 57 -8.44 23.71 -9.31
C PRO A 57 -9.35 24.66 -10.08
N SER A 58 -8.82 25.17 -11.18
CA SER A 58 -9.58 26.09 -12.01
C SER A 58 -10.85 25.56 -12.71
N ASP A 59 -11.36 24.47 -12.16
CA ASP A 59 -12.55 23.85 -12.71
C ASP A 59 -13.81 24.06 -11.87
N THR A 60 -13.87 23.38 -10.75
CA THR A 60 -15.03 23.50 -9.87
C THR A 60 -15.19 24.82 -9.10
N VAL A 61 -14.11 25.57 -9.05
CA VAL A 61 -14.12 26.85 -8.37
C VAL A 61 -13.26 27.87 -9.11
N GLN A 62 -13.52 29.13 -8.86
CA GLN A 62 -12.76 30.19 -9.51
C GLN A 62 -11.44 30.36 -8.75
N THR A 63 -10.35 30.13 -9.47
CA THR A 63 -9.04 30.26 -8.87
C THR A 63 -8.19 31.40 -9.42
N ARG A 64 -7.33 31.93 -8.57
CA ARG A 64 -6.45 33.01 -8.97
C ARG A 64 -5.24 32.41 -9.68
N HIS A 65 -4.45 33.27 -10.28
CA HIS A 65 -3.27 32.81 -10.99
C HIS A 65 -2.18 32.58 -9.94
N VAL A 66 -1.66 31.36 -9.92
CA VAL A 66 -0.63 31.00 -8.98
C VAL A 66 0.62 30.44 -9.65
N VAL A 67 1.74 31.09 -9.39
CA VAL A 67 2.99 30.66 -9.96
C VAL A 67 3.40 29.63 -8.91
N GLN A 68 3.11 28.37 -9.20
CA GLN A 68 3.44 27.32 -8.26
C GLN A 68 4.93 26.99 -8.09
N HIS A 69 5.30 26.65 -6.88
CA HIS A 69 6.69 26.32 -6.60
C HIS A 69 7.05 24.92 -6.10
N ARG A 70 6.05 24.21 -5.64
CA ARG A 70 6.27 22.86 -5.14
C ARG A 70 6.68 21.82 -6.19
N SER A 71 7.72 21.07 -5.85
CA SER A 71 8.23 20.05 -6.73
C SER A 71 8.14 18.64 -6.12
N ARG A 72 8.01 17.67 -7.00
CA ARG A 72 7.92 16.29 -6.56
C ARG A 72 9.25 15.55 -6.39
N SER A 73 10.29 16.33 -6.23
CA SER A 73 11.62 15.81 -6.05
C SER A 73 11.83 14.65 -5.08
N GLU A 74 11.36 14.82 -3.86
CA GLU A 74 11.51 13.79 -2.86
C GLU A 74 10.61 12.57 -2.99
N SER A 75 9.68 12.64 -3.93
CA SER A 75 8.76 11.54 -4.15
C SER A 75 9.11 10.64 -5.34
N SER A 76 10.28 10.85 -5.88
CA SER A 76 10.75 10.07 -7.00
C SER A 76 11.15 8.67 -6.56
N ILE A 77 10.88 7.70 -7.42
CA ILE A 77 11.21 6.33 -7.11
C ILE A 77 12.50 6.14 -6.34
N GLU A 78 13.56 6.73 -6.83
CA GLU A 78 14.85 6.61 -6.18
C GLU A 78 14.82 7.14 -4.72
N SER A 79 14.21 8.30 -4.57
CA SER A 79 14.11 8.92 -3.27
C SER A 79 13.28 8.17 -2.25
N PHE A 80 12.22 7.54 -2.71
CA PHE A 80 11.37 6.79 -1.80
C PHE A 80 12.06 5.63 -1.09
N PHE A 81 12.95 4.98 -1.81
CA PHE A 81 13.68 3.87 -1.24
C PHE A 81 15.10 4.29 -0.83
N ALA A 82 15.30 5.59 -0.78
CA ALA A 82 16.59 6.13 -0.42
C ALA A 82 17.16 5.96 0.99
N ARG A 83 16.52 5.09 1.75
CA ARG A 83 16.96 4.83 3.11
C ARG A 83 17.44 3.39 3.15
N GLY A 84 18.26 3.10 4.14
CA GLY A 84 18.78 1.75 4.29
C GLY A 84 18.05 1.01 5.41
N ALA A 85 17.41 -0.08 5.04
CA ALA A 85 16.67 -0.86 6.02
C ALA A 85 17.34 -2.06 6.67
N CYS A 86 16.87 -2.39 7.86
CA CYS A 86 17.39 -3.50 8.61
C CYS A 86 16.77 -4.83 8.18
N VAL A 87 17.55 -5.61 7.45
CA VAL A 87 17.04 -6.89 6.98
C VAL A 87 17.19 -8.09 7.90
N THR A 88 18.33 -8.18 8.57
CA THR A 88 18.55 -9.31 9.47
C THR A 88 19.56 -9.13 10.62
N ILE A 89 19.36 -9.92 11.65
CA ILE A 89 20.22 -9.89 12.81
C ILE A 89 20.78 -11.31 12.98
N MET A 90 22.09 -11.39 12.84
CA MET A 90 22.77 -12.66 12.97
C MET A 90 23.67 -12.77 14.21
N THR A 91 23.37 -13.76 15.02
CA THR A 91 24.12 -13.97 16.24
C THR A 91 25.28 -14.99 16.19
N VAL A 92 26.40 -14.57 16.76
CA VAL A 92 27.57 -15.40 16.81
C VAL A 92 28.24 -15.14 18.15
N ASP A 93 29.20 -15.98 18.49
CA ASP A 93 29.91 -15.84 19.74
C ASP A 93 31.35 -16.36 19.64
N ASN A 94 32.01 -16.37 20.78
CA ASN A 94 33.37 -16.85 20.86
C ASN A 94 33.43 -17.44 22.26
N PRO A 95 33.00 -18.68 22.38
CA PRO A 95 33.02 -19.31 23.70
C PRO A 95 34.37 -19.87 24.13
N ALA A 96 34.49 -20.16 25.41
CA ALA A 96 35.74 -20.69 25.93
C ALA A 96 36.18 -21.99 25.26
N SER A 97 37.47 -22.22 25.27
CA SER A 97 38.01 -23.43 24.67
C SER A 97 37.55 -24.72 25.39
N THR A 98 37.04 -24.50 26.58
CA THR A 98 36.55 -25.58 27.40
C THR A 98 35.06 -25.94 27.36
N THR A 99 34.32 -25.16 26.59
CA THR A 99 32.90 -25.38 26.46
C THR A 99 32.46 -26.66 25.69
N ASN A 100 31.33 -27.18 26.14
CA ASN A 100 30.77 -28.37 25.54
C ASN A 100 30.15 -28.13 24.16
N LYS A 101 29.66 -26.92 23.97
CA LYS A 101 29.04 -26.55 22.72
C LYS A 101 30.06 -25.97 21.72
N ASP A 102 29.64 -25.98 20.46
CA ASP A 102 30.45 -25.48 19.39
C ASP A 102 30.31 -23.96 19.17
N LYS A 103 31.39 -23.37 18.71
CA LYS A 103 31.43 -21.96 18.44
C LYS A 103 30.38 -21.56 17.36
N LEU A 104 29.31 -21.00 17.85
CA LEU A 104 28.21 -20.56 17.03
C LEU A 104 28.49 -19.54 15.91
N PHE A 105 28.34 -20.03 14.68
CA PHE A 105 28.56 -19.20 13.52
C PHE A 105 27.17 -19.10 12.85
N ALA A 106 26.87 -17.91 12.38
CA ALA A 106 25.60 -17.67 11.72
C ALA A 106 25.47 -17.86 10.20
N VAL A 107 24.33 -18.40 9.81
CA VAL A 107 24.04 -18.65 8.43
C VAL A 107 22.64 -18.07 8.21
N TRP A 108 22.53 -17.22 7.20
CA TRP A 108 21.27 -16.60 6.88
C TRP A 108 20.87 -16.55 5.41
N LYS A 109 19.64 -16.93 5.14
CA LYS A 109 19.15 -16.92 3.78
C LYS A 109 18.86 -15.47 3.37
N ILE A 110 19.58 -15.02 2.36
CA ILE A 110 19.44 -13.68 1.87
C ILE A 110 18.05 -13.25 1.34
N THR A 111 17.39 -12.46 2.15
CA THR A 111 16.07 -11.97 1.80
C THR A 111 15.64 -10.75 2.67
N TYR A 112 14.86 -9.91 2.04
CA TYR A 112 14.34 -8.73 2.66
C TYR A 112 13.14 -9.10 3.54
N LYS A 113 12.39 -10.08 3.08
CA LYS A 113 11.22 -10.54 3.78
C LYS A 113 11.14 -10.83 5.28
N ASP A 114 12.26 -11.22 5.84
CA ASP A 114 12.29 -11.53 7.27
C ASP A 114 11.74 -10.53 8.30
N THR A 115 11.80 -9.27 7.91
CA THR A 115 11.33 -8.20 8.75
C THR A 115 10.04 -7.74 8.10
N VAL A 116 9.63 -6.52 8.40
CA VAL A 116 8.41 -6.00 7.82
C VAL A 116 8.58 -4.74 6.97
N GLN A 117 9.04 -3.67 7.61
CA GLN A 117 9.23 -2.43 6.89
C GLN A 117 9.72 -2.42 5.47
N LEU A 118 10.98 -2.79 5.28
CA LEU A 118 11.53 -2.81 3.94
C LEU A 118 10.66 -3.61 2.95
N ARG A 119 10.07 -4.66 3.47
CA ARG A 119 9.22 -5.50 2.66
C ARG A 119 7.95 -4.79 2.18
N ARG A 120 7.25 -4.18 3.11
CA ARG A 120 6.04 -3.48 2.77
C ARG A 120 6.25 -2.40 1.71
N LYS A 121 7.37 -1.71 1.83
CA LYS A 121 7.70 -0.67 0.88
C LYS A 121 7.95 -1.26 -0.52
N LEU A 122 8.55 -2.44 -0.52
CA LEU A 122 8.83 -3.10 -1.78
C LEU A 122 7.58 -3.77 -2.33
N GLU A 123 6.53 -3.75 -1.54
CA GLU A 123 5.27 -4.36 -1.97
C GLU A 123 4.32 -3.54 -2.81
N PHE A 124 4.56 -2.24 -2.87
CA PHE A 124 3.69 -1.39 -3.68
C PHE A 124 3.84 -1.68 -5.16
N PHE A 125 4.84 -2.46 -5.51
CA PHE A 125 5.07 -2.77 -6.92
C PHE A 125 5.14 -4.27 -7.21
N THR A 126 4.88 -4.62 -8.45
CA THR A 126 4.93 -6.02 -8.84
C THR A 126 6.31 -6.53 -9.22
N TYR A 127 7.12 -5.62 -9.74
CA TYR A 127 8.47 -5.97 -10.15
C TYR A 127 9.50 -4.87 -9.93
N SER A 128 10.76 -5.23 -10.13
CA SER A 128 11.83 -4.25 -9.96
C SER A 128 13.29 -4.68 -10.30
N ARG A 129 14.12 -3.68 -10.37
CA ARG A 129 15.52 -3.85 -10.66
C ARG A 129 16.20 -2.84 -9.76
N PHE A 130 17.21 -3.29 -9.05
CA PHE A 130 17.93 -2.40 -8.15
C PHE A 130 19.26 -2.99 -7.69
N ASP A 131 20.27 -2.15 -7.69
CA ASP A 131 21.58 -2.55 -7.27
C ASP A 131 21.53 -2.45 -5.72
N MET A 132 21.82 -3.58 -5.10
CA MET A 132 21.81 -3.66 -3.67
C MET A 132 23.13 -3.19 -3.05
N GLU A 133 23.01 -2.41 -2.00
CA GLU A 133 24.14 -1.89 -1.28
C GLU A 133 23.93 -2.40 0.15
N LEU A 134 24.96 -3.04 0.67
CA LEU A 134 24.87 -3.58 2.02
C LEU A 134 25.73 -2.93 3.11
N THR A 135 25.18 -2.90 4.31
CA THR A 135 25.84 -2.33 5.44
C THR A 135 25.83 -3.33 6.61
N PHE A 136 26.92 -3.32 7.35
CA PHE A 136 27.06 -4.21 8.48
C PHE A 136 27.55 -3.48 9.76
N VAL A 137 26.62 -3.22 10.64
CA VAL A 137 26.92 -2.57 11.88
C VAL A 137 26.93 -3.71 12.90
N VAL A 138 28.14 -4.12 13.25
CA VAL A 138 28.31 -5.20 14.19
C VAL A 138 28.47 -4.65 15.61
N THR A 139 28.05 -5.46 16.57
CA THR A 139 28.13 -5.09 17.95
C THR A 139 28.64 -6.30 18.72
N ALA A 140 29.05 -6.07 19.95
CA ALA A 140 29.55 -7.15 20.78
C ALA A 140 29.37 -6.89 22.29
N ASN A 141 29.65 -7.93 23.05
CA ASN A 141 29.53 -7.88 24.49
C ASN A 141 29.96 -9.20 25.13
N PHE A 142 30.21 -9.13 26.42
CA PHE A 142 30.63 -10.30 27.17
C PHE A 142 29.32 -10.92 27.63
N THR A 143 29.42 -12.10 28.21
CA THR A 143 28.22 -12.78 28.70
C THR A 143 28.25 -13.34 30.13
N GLU A 144 29.43 -13.82 30.51
CA GLU A 144 29.60 -14.38 31.82
C GLU A 144 29.96 -13.32 32.87
N THR A 145 29.63 -13.63 34.11
CA THR A 145 29.91 -12.70 35.20
C THR A 145 31.39 -12.92 35.62
N ASN A 146 32.27 -12.58 34.70
CA ASN A 146 33.67 -12.70 34.91
C ASN A 146 34.31 -11.44 34.30
N ASN A 147 35.27 -10.91 35.02
CA ASN A 147 35.96 -9.72 34.60
C ASN A 147 37.00 -10.10 33.52
N GLY A 148 36.58 -11.01 32.65
CA GLY A 148 37.42 -11.48 31.59
C GLY A 148 37.81 -10.48 30.51
N HIS A 149 38.90 -10.78 29.83
CA HIS A 149 39.40 -9.93 28.77
C HIS A 149 39.27 -10.46 27.34
N ALA A 150 38.98 -9.53 26.44
CA ALA A 150 38.84 -9.87 25.05
C ALA A 150 39.43 -8.77 24.17
N LEU A 151 40.34 -9.19 23.31
CA LEU A 151 40.99 -8.26 22.41
C LEU A 151 39.98 -7.92 21.32
N ASN A 152 40.24 -6.84 20.62
CA ASN A 152 39.35 -6.41 19.56
C ASN A 152 39.15 -7.58 18.59
N GLN A 153 37.90 -7.97 18.43
CA GLN A 153 37.59 -9.08 17.54
C GLN A 153 37.46 -8.82 16.03
N VAL A 154 37.85 -9.83 15.27
CA VAL A 154 37.78 -9.73 13.82
C VAL A 154 36.60 -10.54 13.30
N TYR A 155 35.87 -9.95 12.37
CA TYR A 155 34.72 -10.61 11.78
C TYR A 155 34.76 -10.90 10.29
N GLN A 156 34.24 -12.06 9.92
CA GLN A 156 34.20 -12.44 8.53
C GLN A 156 32.74 -12.62 8.09
N ILE A 157 32.43 -12.02 6.96
CA ILE A 157 31.11 -12.08 6.40
C ILE A 157 31.37 -12.80 5.09
N MET A 158 30.78 -13.97 4.94
CA MET A 158 30.96 -14.74 3.73
C MET A 158 29.70 -15.05 2.88
N TYR A 159 29.77 -14.59 1.64
CA TYR A 159 28.71 -14.79 0.70
C TYR A 159 28.78 -16.12 -0.05
N VAL A 160 27.89 -17.02 0.34
CA VAL A 160 27.83 -18.32 -0.29
C VAL A 160 26.65 -18.30 -1.26
N PRO A 161 26.96 -18.32 -2.54
CA PRO A 161 25.92 -18.30 -3.54
C PRO A 161 25.15 -19.60 -3.50
N PRO A 162 24.08 -19.69 -4.26
CA PRO A 162 23.29 -20.93 -4.25
C PRO A 162 24.15 -22.13 -4.67
N GLY A 163 24.03 -23.19 -3.90
CA GLY A 163 24.78 -24.39 -4.19
C GLY A 163 26.30 -24.37 -4.09
N ALA A 164 26.80 -23.58 -3.16
CA ALA A 164 28.22 -23.46 -2.97
C ALA A 164 28.53 -23.98 -1.57
N PRO A 165 29.79 -24.31 -1.32
CA PRO A 165 30.14 -24.82 0.01
C PRO A 165 29.72 -23.92 1.19
N VAL A 166 28.72 -24.41 1.91
CA VAL A 166 28.22 -23.68 3.05
C VAL A 166 29.05 -24.34 4.15
N PRO A 167 29.60 -23.51 5.01
CA PRO A 167 30.42 -24.01 6.10
C PRO A 167 29.74 -25.02 7.03
N GLU A 168 30.56 -25.88 7.61
CA GLU A 168 30.06 -26.89 8.52
C GLU A 168 30.53 -26.61 9.95
N LYS A 169 31.70 -26.01 10.04
CA LYS A 169 32.28 -25.67 11.31
C LYS A 169 32.71 -24.23 11.18
N TRP A 170 33.26 -23.67 12.25
CA TRP A 170 33.70 -22.28 12.20
C TRP A 170 35.11 -22.27 11.59
N ASP A 171 35.69 -23.45 11.50
CA ASP A 171 37.02 -23.59 10.96
C ASP A 171 37.28 -24.72 9.98
N ASP A 172 36.57 -24.67 8.87
CA ASP A 172 36.74 -25.69 7.84
C ASP A 172 37.20 -25.06 6.53
N TYR A 173 37.73 -25.89 5.66
CA TYR A 173 38.22 -25.43 4.38
C TYR A 173 37.42 -24.38 3.62
N THR A 174 36.12 -24.37 3.84
CA THR A 174 35.26 -23.42 3.18
C THR A 174 35.59 -21.93 3.23
N TRP A 175 35.93 -21.48 4.43
CA TRP A 175 36.28 -20.09 4.64
C TRP A 175 37.55 -19.60 3.94
N GLN A 176 38.21 -20.52 3.27
CA GLN A 176 39.42 -20.20 2.56
C GLN A 176 39.08 -19.29 1.33
N THR A 177 37.80 -19.29 1.04
CA THR A 177 37.15 -18.59 0.03
C THR A 177 37.96 -18.05 -1.20
N SER A 178 38.50 -19.00 -1.92
CA SER A 178 39.28 -18.70 -3.10
C SER A 178 38.44 -18.00 -4.18
N SER A 179 37.13 -18.15 -4.04
CA SER A 179 36.21 -17.57 -4.98
C SER A 179 34.98 -16.88 -4.41
N ASN A 180 34.84 -16.96 -3.10
CA ASN A 180 33.68 -16.33 -2.45
C ASN A 180 33.96 -14.95 -1.91
N PRO A 181 33.21 -13.97 -2.37
CA PRO A 181 33.40 -12.61 -1.89
C PRO A 181 33.05 -12.43 -0.41
N SER A 182 34.09 -12.26 0.40
CA SER A 182 33.91 -12.07 1.82
C SER A 182 34.33 -10.71 2.37
N ILE A 183 33.97 -10.46 3.61
CA ILE A 183 34.30 -9.19 4.24
C ILE A 183 34.85 -9.32 5.67
N PHE A 184 36.11 -8.95 5.80
CA PHE A 184 36.76 -9.01 7.10
C PHE A 184 36.62 -7.65 7.82
N TYR A 185 35.72 -7.65 8.78
CA TYR A 185 35.46 -6.47 9.55
C TYR A 185 36.14 -6.46 10.92
N THR A 186 36.85 -5.37 11.17
CA THR A 186 37.56 -5.22 12.44
C THR A 186 36.75 -4.32 13.41
N TYR A 187 36.07 -5.00 14.31
CA TYR A 187 35.26 -4.35 15.30
C TYR A 187 35.70 -2.97 15.77
N GLY A 188 34.75 -2.06 15.79
CA GLY A 188 35.02 -0.70 16.21
C GLY A 188 35.43 0.29 15.16
N THR A 189 35.28 -0.09 13.91
CA THR A 189 35.63 0.81 12.81
C THR A 189 34.37 1.16 12.01
N ALA A 190 34.54 2.07 11.07
CA ALA A 190 33.42 2.49 10.25
C ALA A 190 32.79 1.31 9.56
N PRO A 191 31.55 0.99 9.92
CA PRO A 191 30.88 -0.15 9.32
C PRO A 191 31.12 -0.64 7.88
N ALA A 192 31.18 -1.95 7.76
CA ALA A 192 31.41 -2.59 6.50
C ALA A 192 30.34 -2.40 5.41
N ARG A 193 30.82 -2.24 4.19
CA ARG A 193 29.92 -2.04 3.07
C ARG A 193 30.33 -2.56 1.67
N ILE A 194 29.36 -3.17 1.03
CA ILE A 194 29.57 -3.70 -0.31
C ILE A 194 28.35 -3.43 -1.21
N SER A 195 28.62 -3.38 -2.49
CA SER A 195 27.58 -3.12 -3.46
C SER A 195 27.42 -4.29 -4.43
N VAL A 196 26.18 -4.66 -4.67
CA VAL A 196 25.91 -5.76 -5.58
C VAL A 196 24.83 -5.32 -6.56
N PRO A 197 25.14 -5.45 -7.84
CA PRO A 197 24.19 -5.07 -8.87
C PRO A 197 23.01 -6.03 -9.01
N TYR A 198 22.26 -5.86 -10.09
CA TYR A 198 21.12 -6.70 -10.34
C TYR A 198 21.51 -8.14 -10.63
N VAL A 199 21.44 -8.97 -9.60
CA VAL A 199 21.79 -10.37 -9.76
C VAL A 199 20.60 -11.24 -10.14
N GLY A 200 19.47 -10.59 -10.37
CA GLY A 200 18.27 -11.32 -10.73
C GLY A 200 18.37 -12.23 -11.96
N ILE A 201 17.78 -13.40 -11.84
CA ILE A 201 17.79 -14.35 -12.93
C ILE A 201 16.85 -13.94 -14.08
N SER A 202 15.98 -13.01 -13.76
CA SER A 202 15.03 -12.51 -14.70
C SER A 202 15.47 -11.18 -15.34
N ASN A 203 14.52 -10.27 -15.44
CA ASN A 203 14.74 -8.97 -15.99
C ASN A 203 14.37 -8.04 -14.83
N ALA A 204 13.66 -8.61 -13.88
CA ALA A 204 13.21 -7.89 -12.71
C ALA A 204 12.96 -8.93 -11.62
N TYR A 205 13.20 -8.52 -10.39
CA TYR A 205 12.98 -9.42 -9.25
C TYR A 205 11.49 -9.44 -8.91
N SER A 206 10.92 -10.63 -8.92
CA SER A 206 9.51 -10.76 -8.61
C SER A 206 9.18 -10.87 -7.11
N HIS A 207 8.57 -9.80 -6.62
CA HIS A 207 8.18 -9.75 -5.22
C HIS A 207 7.01 -10.69 -4.88
N PHE A 208 6.33 -11.10 -5.94
CA PHE A 208 5.21 -11.97 -5.83
C PHE A 208 5.34 -12.89 -7.06
N TYR A 209 4.86 -14.11 -6.91
CA TYR A 209 4.92 -15.07 -7.98
C TYR A 209 3.76 -16.06 -7.96
N ASP A 210 2.81 -15.84 -8.86
CA ASP A 210 1.65 -16.72 -8.93
C ASP A 210 2.05 -17.98 -9.69
N GLY A 211 2.23 -19.05 -8.93
CA GLY A 211 2.61 -20.32 -9.53
C GLY A 211 3.21 -21.45 -8.67
N PHE A 212 3.93 -22.33 -9.36
CA PHE A 212 4.56 -23.44 -8.73
C PHE A 212 5.80 -23.83 -9.53
N SER A 213 6.87 -24.11 -8.81
CA SER A 213 8.12 -24.49 -9.44
C SER A 213 8.03 -25.83 -10.20
N LYS A 214 7.09 -26.65 -9.77
CA LYS A 214 6.88 -27.94 -10.37
C LYS A 214 5.43 -28.00 -10.84
N VAL A 215 5.15 -28.96 -11.69
CA VAL A 215 3.81 -29.14 -12.21
C VAL A 215 3.49 -30.57 -11.84
N PRO A 216 2.43 -30.76 -11.08
CA PRO A 216 2.05 -32.11 -10.69
C PRO A 216 1.70 -32.84 -11.98
N LEU A 217 2.19 -34.07 -12.10
CA LEU A 217 1.91 -34.85 -13.29
C LEU A 217 1.00 -36.05 -13.03
N LYS A 218 0.53 -36.65 -14.11
CA LYS A 218 -0.35 -37.80 -13.98
C LYS A 218 0.18 -39.23 -13.90
N ASP A 219 1.34 -39.44 -14.50
CA ASP A 219 1.93 -40.77 -14.47
C ASP A 219 3.08 -40.76 -13.44
N GLN A 220 2.86 -39.98 -12.40
CA GLN A 220 3.83 -39.86 -11.34
C GLN A 220 3.03 -39.95 -10.03
N SER A 221 3.65 -39.49 -8.96
CA SER A 221 2.99 -39.53 -7.66
C SER A 221 2.88 -38.14 -7.01
N ALA A 222 1.77 -37.95 -6.31
CA ALA A 222 1.52 -36.71 -5.63
C ALA A 222 2.69 -36.13 -4.83
N ALA A 223 3.55 -37.03 -4.39
CA ALA A 223 4.71 -36.65 -3.62
C ALA A 223 5.72 -35.99 -4.54
N LEU A 224 6.06 -36.69 -5.61
CA LEU A 224 7.03 -36.19 -6.56
C LEU A 224 6.78 -34.94 -7.42
N GLY A 225 5.54 -34.48 -7.37
CA GLY A 225 5.16 -33.31 -8.14
C GLY A 225 4.50 -32.23 -7.27
N ASP A 226 4.73 -32.32 -5.98
CA ASP A 226 4.17 -31.39 -5.04
C ASP A 226 5.19 -30.27 -4.87
N SER A 227 4.67 -29.05 -4.89
CA SER A 227 5.51 -27.88 -4.73
C SER A 227 4.79 -26.83 -3.91
N LEU A 228 5.56 -25.91 -3.35
CA LEU A 228 4.94 -24.85 -2.53
C LEU A 228 4.54 -23.64 -3.36
N TYR A 229 3.30 -23.22 -3.18
CA TYR A 229 2.78 -22.08 -3.90
C TYR A 229 3.37 -20.72 -3.51
N GLY A 230 3.74 -19.97 -4.53
CA GLY A 230 4.31 -18.66 -4.33
C GLY A 230 5.83 -18.50 -4.41
N ALA A 231 6.53 -19.61 -4.24
CA ALA A 231 7.98 -19.58 -4.30
C ALA A 231 8.64 -19.98 -5.63
N ALA A 232 9.93 -19.70 -5.70
CA ALA A 232 10.71 -20.00 -6.87
C ALA A 232 12.22 -19.77 -6.61
N SER A 233 12.97 -19.89 -7.69
CA SER A 233 14.39 -19.71 -7.63
C SER A 233 14.70 -18.22 -7.78
N LEU A 234 13.72 -17.50 -8.30
CA LEU A 234 13.83 -16.09 -8.52
C LEU A 234 14.41 -15.41 -7.27
N ASN A 235 13.74 -15.63 -6.16
CA ASN A 235 14.17 -15.06 -4.90
C ASN A 235 15.24 -15.81 -4.08
N ASP A 236 16.03 -16.58 -4.80
CA ASP A 236 17.08 -17.35 -4.20
C ASP A 236 18.36 -16.73 -4.78
N PHE A 237 19.22 -16.28 -3.88
CA PHE A 237 20.45 -15.64 -4.28
C PHE A 237 21.64 -16.22 -3.53
N GLY A 238 21.36 -16.78 -2.36
CA GLY A 238 22.41 -17.36 -1.55
C GLY A 238 22.25 -17.04 -0.08
N ILE A 239 23.26 -17.38 0.69
CA ILE A 239 23.23 -17.12 2.11
C ILE A 239 24.51 -16.46 2.61
N LEU A 240 24.42 -15.86 3.77
CA LEU A 240 25.56 -15.20 4.36
C LEU A 240 25.98 -16.03 5.58
N ALA A 241 27.28 -16.21 5.71
CA ALA A 241 27.82 -16.98 6.81
C ALA A 241 28.76 -16.05 7.56
N VAL A 242 28.47 -15.85 8.84
CA VAL A 242 29.31 -14.97 9.64
C VAL A 242 29.89 -15.68 10.85
N ARG A 243 31.14 -15.37 11.15
CA ARG A 243 31.81 -15.98 12.28
C ARG A 243 32.74 -14.97 12.99
N VAL A 244 33.53 -15.51 13.91
CA VAL A 244 34.47 -14.72 14.66
C VAL A 244 35.78 -15.43 14.27
N VAL A 245 36.60 -14.69 13.54
CA VAL A 245 37.87 -15.21 13.09
C VAL A 245 38.90 -15.48 14.19
N ASN A 246 38.70 -14.82 15.32
CA ASN A 246 39.60 -14.98 16.43
C ASN A 246 39.25 -16.32 17.05
N ASP A 247 40.24 -16.98 17.61
CA ASP A 247 40.00 -18.28 18.24
C ASP A 247 39.27 -18.22 19.58
N HIS A 248 39.29 -19.34 20.28
CA HIS A 248 38.65 -19.42 21.57
C HIS A 248 39.39 -18.57 22.60
N ASN A 249 38.61 -17.79 23.33
CA ASN A 249 39.16 -16.92 24.34
C ASN A 249 38.60 -17.23 25.72
N PRO A 250 39.43 -17.13 26.73
CA PRO A 250 38.96 -17.39 28.09
C PRO A 250 37.62 -16.86 28.59
N THR A 251 37.05 -15.94 27.83
CA THR A 251 35.77 -15.38 28.19
C THR A 251 34.80 -15.32 27.00
N LYS A 252 33.65 -15.91 27.20
CA LYS A 252 32.64 -15.94 26.15
C LYS A 252 32.10 -14.56 25.71
N VAL A 253 32.39 -14.25 24.47
CA VAL A 253 31.96 -13.00 23.90
C VAL A 253 31.01 -13.15 22.70
N THR A 254 29.74 -12.84 22.95
CA THR A 254 28.73 -12.94 21.93
C THR A 254 28.78 -11.72 21.00
N SER A 255 28.13 -11.87 19.86
CA SER A 255 28.10 -10.79 18.88
C SER A 255 26.93 -10.82 17.90
N LYS A 256 26.43 -9.63 17.60
CA LYS A 256 25.33 -9.50 16.66
C LYS A 256 25.68 -8.77 15.36
N ILE A 257 25.24 -9.34 14.26
CA ILE A 257 25.48 -8.76 12.96
C ILE A 257 24.20 -8.25 12.30
N ARG A 258 24.10 -6.93 12.24
CA ARG A 258 22.97 -6.28 11.64
C ARG A 258 23.29 -5.94 10.18
N VAL A 259 22.38 -6.33 9.31
CA VAL A 259 22.55 -6.09 7.90
C VAL A 259 21.53 -5.04 7.43
N TYR A 260 22.05 -3.98 6.85
CA TYR A 260 21.22 -2.90 6.35
C TYR A 260 21.33 -2.90 4.83
N LEU A 261 20.19 -3.05 4.19
CA LEU A 261 20.14 -3.06 2.74
C LEU A 261 19.47 -1.79 2.22
N LYS A 262 20.01 -1.28 1.13
CA LYS A 262 19.46 -0.08 0.54
C LYS A 262 19.45 -0.19 -0.99
N PRO A 263 18.26 -0.12 -1.55
CA PRO A 263 18.13 -0.21 -2.99
C PRO A 263 18.50 1.13 -3.61
N LYS A 264 19.34 1.07 -4.62
CA LYS A 264 19.79 2.27 -5.30
C LYS A 264 19.71 2.04 -6.80
N HIS A 265 19.37 3.09 -7.51
CA HIS A 265 19.24 3.04 -8.95
C HIS A 265 18.08 2.07 -9.12
N ILE A 266 16.90 2.52 -8.73
CA ILE A 266 15.73 1.67 -8.82
C ILE A 266 14.55 1.97 -9.80
N ARG A 267 13.98 0.90 -10.29
CA ARG A 267 12.87 0.96 -11.20
C ARG A 267 11.84 -0.09 -10.75
N VAL A 268 10.59 0.24 -11.00
CA VAL A 268 9.49 -0.64 -10.63
C VAL A 268 8.31 -0.69 -11.60
N TRP A 269 7.66 -1.84 -11.63
CA TRP A 269 6.52 -2.02 -12.52
C TRP A 269 5.16 -2.52 -11.98
N CYS A 270 4.13 -1.78 -12.31
CA CYS A 270 2.78 -2.11 -11.89
C CYS A 270 2.40 -2.13 -10.42
N PRO A 271 1.82 -1.04 -9.97
CA PRO A 271 1.41 -0.92 -8.58
C PRO A 271 0.35 -1.86 -7.99
N ARG A 272 0.44 -2.02 -6.68
CA ARG A 272 -0.45 -2.86 -5.95
C ARG A 272 -0.74 -2.11 -4.66
N PRO A 273 -1.81 -2.49 -3.98
CA PRO A 273 -2.12 -1.79 -2.72
C PRO A 273 -1.23 -2.32 -1.62
N PRO A 274 -0.84 -1.46 -0.70
CA PRO A 274 0.01 -1.91 0.40
C PRO A 274 -0.57 -2.98 1.33
N ARG A 275 0.31 -3.70 2.00
CA ARG A 275 -0.09 -4.74 2.90
C ARG A 275 -0.97 -4.20 4.04
N ALA A 276 -2.21 -4.60 4.01
CA ALA A 276 -3.15 -4.15 5.03
C ALA A 276 -3.03 -4.78 6.42
N VAL A 277 -3.11 -6.09 6.45
CA VAL A 277 -3.01 -6.80 7.71
C VAL A 277 -1.60 -7.29 8.04
N ALA A 278 -1.40 -7.65 9.30
CA ALA A 278 -0.11 -8.13 9.75
C ALA A 278 0.45 -9.35 9.02
N TYR A 279 1.73 -9.29 8.72
CA TYR A 279 2.37 -10.40 8.03
C TYR A 279 2.45 -11.77 8.74
N TYR A 280 2.52 -12.80 7.91
CA TYR A 280 2.60 -14.15 8.39
C TYR A 280 3.22 -15.05 7.31
N GLY A 281 4.52 -15.25 7.46
CA GLY A 281 5.26 -16.06 6.53
C GLY A 281 5.77 -15.31 5.32
N PRO A 282 6.52 -15.98 4.48
CA PRO A 282 7.05 -15.33 3.28
C PRO A 282 6.02 -15.31 2.15
N GLY A 283 4.89 -15.95 2.40
CA GLY A 283 3.83 -16.00 1.42
C GLY A 283 2.93 -14.79 1.59
N VAL A 284 1.89 -14.74 0.78
CA VAL A 284 0.95 -13.64 0.85
C VAL A 284 -0.09 -13.90 1.98
N ASP A 285 0.07 -15.07 2.58
CA ASP A 285 -0.77 -15.53 3.63
C ASP A 285 -0.98 -14.66 4.89
N TYR A 286 -2.13 -14.85 5.50
CA TYR A 286 -2.48 -14.10 6.69
C TYR A 286 -3.09 -14.96 7.81
N LYS A 287 -2.68 -14.65 9.02
CA LYS A 287 -3.16 -15.36 10.18
C LYS A 287 -4.48 -14.77 10.68
N ASP A 288 -5.22 -15.59 11.40
CA ASP A 288 -6.50 -15.15 11.93
C ASP A 288 -6.36 -14.42 13.27
N GLY A 289 -7.19 -13.40 13.43
CA GLY A 289 -7.19 -12.61 14.64
C GLY A 289 -6.50 -11.27 14.34
N THR A 290 -5.86 -11.22 13.19
CA THR A 290 -5.15 -10.06 12.75
C THR A 290 -5.84 -9.54 11.48
N LEU A 291 -7.07 -9.97 11.30
CA LEU A 291 -7.84 -9.57 10.14
C LEU A 291 -8.66 -8.26 10.22
N THR A 292 -8.44 -7.55 11.31
CA THR A 292 -9.11 -6.31 11.54
C THR A 292 -8.15 -5.13 11.44
N PRO A 293 -8.04 -4.57 10.24
CA PRO A 293 -7.14 -3.44 10.07
C PRO A 293 -7.64 -2.09 10.58
N LEU A 294 -8.93 -1.87 10.43
CA LEU A 294 -9.50 -0.61 10.88
C LEU A 294 -10.16 -0.48 12.28
N SER A 295 -10.66 0.72 12.53
CA SER A 295 -11.30 1.02 13.78
C SER A 295 -12.73 1.60 13.66
N THR A 296 -13.29 1.91 14.81
CA THR A 296 -14.61 2.46 14.88
C THR A 296 -14.63 3.99 14.67
N LYS A 297 -15.57 4.42 13.86
CA LYS A 297 -15.74 5.81 13.56
C LYS A 297 -17.11 5.99 12.88
N ASP A 298 -17.87 6.91 13.42
CA ASP A 298 -19.20 7.20 12.91
C ASP A 298 -19.23 7.76 11.47
N LEU A 299 -20.34 7.50 10.82
CA LEU A 299 -20.55 7.95 9.47
C LEU A 299 -20.93 9.43 9.47
N THR A 300 -21.64 9.83 10.52
CA THR A 300 -22.06 11.21 10.63
C THR A 300 -21.44 12.01 11.79
N THR A 301 -20.13 11.98 11.85
CA THR A 301 -19.40 12.67 12.88
C THR A 301 -18.04 12.98 12.25
N TYR A 302 -17.51 14.14 12.59
CA TYR A 302 -16.22 14.54 12.06
C TYR A 302 -15.10 14.21 13.04
N ALA B 6 -22.01 12.40 -34.76
CA ALA B 6 -22.39 12.66 -36.19
C ALA B 6 -23.04 11.44 -36.86
N CYS B 7 -22.21 10.43 -37.07
CA CYS B 7 -22.68 9.21 -37.69
C CYS B 7 -22.99 8.12 -36.63
N GLY B 8 -23.15 8.59 -35.41
CA GLY B 8 -23.45 7.71 -34.31
C GLY B 8 -22.37 6.90 -33.61
N TYR B 9 -21.20 7.48 -33.53
CA TYR B 9 -20.09 6.79 -32.88
C TYR B 9 -20.14 7.04 -31.35
N SER B 10 -20.81 6.12 -30.68
CA SER B 10 -20.97 6.17 -29.27
C SER B 10 -20.04 5.25 -28.45
N ASP B 11 -19.62 5.76 -27.32
CA ASP B 11 -18.75 5.02 -26.44
C ASP B 11 -19.32 3.73 -25.82
N ARG B 12 -20.63 3.62 -25.90
CA ARG B 12 -21.32 2.47 -25.37
C ARG B 12 -21.52 1.38 -26.45
N VAL B 13 -21.54 1.82 -27.68
CA VAL B 13 -21.71 0.94 -28.80
C VAL B 13 -20.35 0.49 -29.29
N LEU B 14 -20.06 -0.79 -29.10
CA LEU B 14 -18.78 -1.32 -29.53
C LEU B 14 -18.77 -2.75 -30.12
N GLN B 15 -17.78 -2.97 -30.98
CA GLN B 15 -17.63 -4.26 -31.63
C GLN B 15 -16.18 -4.80 -31.61
N LEU B 16 -16.04 -5.93 -30.97
CA LEU B 16 -14.75 -6.57 -30.86
C LEU B 16 -14.74 -7.80 -31.77
N THR B 17 -13.62 -8.01 -32.43
CA THR B 17 -13.49 -9.14 -33.33
C THR B 17 -12.05 -9.70 -33.42
N LEU B 18 -11.96 -11.00 -33.28
CA LEU B 18 -10.70 -11.68 -33.34
C LEU B 18 -10.94 -13.08 -33.89
N GLY B 19 -10.29 -13.37 -35.00
CA GLY B 19 -10.43 -14.68 -35.62
C GLY B 19 -11.80 -15.02 -36.23
N ASN B 20 -12.53 -15.85 -35.50
CA ASN B 20 -13.84 -16.26 -35.95
C ASN B 20 -14.93 -15.97 -34.89
N SER B 21 -14.62 -15.03 -34.02
CA SER B 21 -15.52 -14.64 -32.97
C SER B 21 -15.67 -13.10 -32.88
N THR B 22 -16.90 -12.69 -32.60
CA THR B 22 -17.20 -11.28 -32.49
C THR B 22 -18.18 -10.88 -31.39
N ILE B 23 -17.74 -9.95 -30.56
CA ILE B 23 -18.58 -9.49 -29.47
C ILE B 23 -19.10 -8.07 -29.73
N THR B 24 -20.39 -7.90 -29.51
CA THR B 24 -21.01 -6.61 -29.72
C THR B 24 -21.71 -6.18 -28.43
N THR B 25 -21.70 -4.88 -28.20
CA THR B 25 -22.33 -4.35 -27.00
C THR B 25 -22.90 -2.95 -27.20
N GLN B 26 -24.05 -2.72 -26.59
CA GLN B 26 -24.69 -1.41 -26.72
C GLN B 26 -24.66 -0.57 -25.45
N GLU B 27 -24.13 -1.16 -24.39
CA GLU B 27 -24.02 -0.47 -23.12
C GLU B 27 -22.63 -0.75 -22.54
N ALA B 28 -21.68 0.04 -23.01
CA ALA B 28 -20.31 -0.09 -22.56
C ALA B 28 -19.81 1.25 -22.00
N ALA B 29 -18.66 1.18 -21.37
CA ALA B 29 -18.06 2.36 -20.79
C ALA B 29 -16.70 2.45 -21.51
N ASN B 30 -16.77 2.21 -22.81
CA ASN B 30 -15.61 2.24 -23.65
C ASN B 30 -14.80 1.00 -23.25
N SER B 31 -13.50 1.08 -23.49
CA SER B 31 -12.63 -0.01 -23.17
C SER B 31 -11.33 0.47 -22.50
N VAL B 32 -10.78 -0.40 -21.67
CA VAL B 32 -9.56 -0.08 -20.97
C VAL B 32 -8.31 -0.83 -21.46
N VAL B 33 -7.37 -0.05 -21.98
CA VAL B 33 -6.14 -0.59 -22.49
C VAL B 33 -5.18 -0.48 -21.30
N ALA B 34 -4.98 -1.62 -20.65
CA ALA B 34 -4.13 -1.69 -19.50
C ALA B 34 -2.73 -1.05 -19.63
N TYR B 35 -2.38 -0.30 -18.59
CA TYR B 35 -1.13 0.38 -18.52
C TYR B 35 -0.71 1.14 -19.79
N GLY B 36 -1.66 1.29 -20.68
CA GLY B 36 -1.43 1.98 -21.92
C GLY B 36 -0.83 1.13 -23.03
N ARG B 37 -0.52 -0.11 -22.70
CA ARG B 37 0.06 -1.02 -23.64
C ARG B 37 -0.99 -1.92 -24.31
N TRP B 38 -0.70 -2.29 -25.54
CA TRP B 38 -1.59 -3.13 -26.30
C TRP B 38 -0.74 -4.31 -26.74
N PRO B 39 -1.37 -5.47 -26.86
CA PRO B 39 -0.63 -6.66 -27.28
C PRO B 39 0.22 -6.67 -28.56
N GLU B 40 1.37 -7.30 -28.45
CA GLU B 40 2.29 -7.40 -29.56
C GLU B 40 3.14 -8.64 -29.34
N TYR B 41 3.81 -9.08 -30.40
CA TYR B 41 4.65 -10.26 -30.27
C TYR B 41 6.03 -9.90 -29.74
N LEU B 42 6.70 -10.89 -29.18
CA LEU B 42 8.03 -10.65 -28.63
C LEU B 42 9.06 -10.06 -29.63
N ARG B 43 9.61 -8.94 -29.22
CA ARG B 43 10.59 -8.23 -29.99
C ARG B 43 11.98 -8.88 -29.98
N ASP B 44 12.51 -9.08 -31.16
CA ASP B 44 13.79 -9.68 -31.36
C ASP B 44 14.83 -9.12 -30.37
N SER B 45 14.57 -7.91 -29.91
CA SER B 45 15.42 -7.24 -28.98
C SER B 45 15.31 -7.89 -27.60
N GLU B 46 14.08 -8.02 -27.14
CA GLU B 46 13.81 -8.60 -25.86
C GLU B 46 13.67 -10.12 -25.85
N ALA B 47 13.93 -10.72 -27.01
CA ALA B 47 13.83 -12.16 -27.13
C ALA B 47 14.72 -12.98 -26.18
N ASN B 48 14.24 -14.17 -25.87
CA ASN B 48 14.98 -15.04 -24.98
C ASN B 48 15.40 -16.36 -25.59
N PRO B 49 14.45 -17.28 -25.77
CA PRO B 49 14.83 -18.57 -26.36
C PRO B 49 15.28 -18.44 -27.81
N VAL B 50 15.83 -19.51 -28.33
CA VAL B 50 16.31 -19.49 -29.71
C VAL B 50 15.49 -20.10 -30.86
N ASP B 51 14.71 -21.12 -30.51
CA ASP B 51 13.89 -21.78 -31.51
C ASP B 51 12.87 -20.93 -32.29
N GLN B 52 12.22 -21.59 -33.24
CA GLN B 52 11.24 -20.88 -34.06
C GLN B 52 9.93 -20.81 -33.30
N PRO B 53 9.36 -19.61 -33.24
CA PRO B 53 8.09 -19.46 -32.53
C PRO B 53 6.81 -19.63 -33.37
N THR B 54 5.94 -20.48 -32.87
CA THR B 54 4.69 -20.74 -33.53
C THR B 54 3.72 -19.65 -33.08
N GLU B 55 3.13 -18.97 -34.04
CA GLU B 55 2.19 -17.91 -33.74
C GLU B 55 0.90 -18.44 -34.27
N PRO B 56 0.13 -19.11 -33.42
CA PRO B 56 -1.14 -19.66 -33.86
C PRO B 56 -2.16 -18.66 -34.41
N ASP B 57 -2.09 -17.45 -33.89
CA ASP B 57 -2.97 -16.40 -34.31
C ASP B 57 -4.42 -16.84 -34.16
N VAL B 58 -5.23 -16.53 -35.15
CA VAL B 58 -6.63 -16.88 -35.14
C VAL B 58 -7.02 -18.20 -34.46
N ALA B 59 -6.19 -19.21 -34.69
CA ALA B 59 -6.42 -20.51 -34.11
C ALA B 59 -6.53 -20.44 -32.59
N ALA B 60 -5.72 -19.58 -32.01
CA ALA B 60 -5.72 -19.40 -30.58
C ALA B 60 -6.30 -18.05 -30.20
N CYS B 61 -6.17 -17.10 -31.11
CA CYS B 61 -6.69 -15.77 -30.87
C CYS B 61 -8.18 -15.59 -31.16
N ARG B 62 -9.00 -16.18 -30.30
CA ARG B 62 -10.43 -16.08 -30.46
C ARG B 62 -11.17 -16.11 -29.13
N PHE B 63 -12.32 -15.45 -29.10
CA PHE B 63 -13.11 -15.41 -27.88
C PHE B 63 -13.70 -16.72 -27.36
N TYR B 64 -13.31 -17.05 -26.14
CA TYR B 64 -13.78 -18.25 -25.50
C TYR B 64 -14.64 -17.93 -24.27
N THR B 65 -15.86 -18.43 -24.31
CA THR B 65 -16.79 -18.21 -23.22
C THR B 65 -16.62 -19.34 -22.19
N LEU B 66 -16.18 -18.94 -21.02
CA LEU B 66 -15.98 -19.89 -19.94
C LEU B 66 -17.35 -20.07 -19.34
N ASP B 67 -17.48 -21.00 -18.41
CA ASP B 67 -18.79 -21.21 -17.78
C ASP B 67 -19.38 -19.99 -17.07
N THR B 68 -20.69 -19.95 -17.05
CA THR B 68 -21.42 -18.87 -16.43
C THR B 68 -21.86 -19.09 -14.96
N VAL B 69 -21.61 -18.07 -14.17
CA VAL B 69 -21.97 -18.12 -12.77
C VAL B 69 -23.16 -17.21 -12.44
N SER B 70 -23.71 -17.41 -11.26
CA SER B 70 -24.85 -16.63 -10.82
C SER B 70 -24.61 -15.57 -9.73
N TRP B 71 -25.21 -14.42 -9.95
CA TRP B 71 -25.10 -13.33 -9.02
C TRP B 71 -26.40 -12.95 -8.28
N THR B 72 -26.41 -13.32 -7.02
CA THR B 72 -27.52 -13.08 -6.15
C THR B 72 -27.05 -12.13 -5.05
N LYS B 73 -27.91 -11.93 -4.07
CA LYS B 73 -27.57 -11.04 -2.96
C LYS B 73 -26.40 -11.55 -2.11
N GLU B 74 -26.49 -12.79 -1.69
CA GLU B 74 -25.47 -13.40 -0.87
C GLU B 74 -24.18 -13.89 -1.53
N SER B 75 -23.82 -13.25 -2.63
CA SER B 75 -22.62 -13.62 -3.34
C SER B 75 -21.47 -12.75 -2.81
N ARG B 76 -20.36 -13.42 -2.51
CA ARG B 76 -19.20 -12.72 -2.00
C ARG B 76 -18.15 -12.34 -3.02
N GLY B 77 -18.07 -13.10 -4.09
CA GLY B 77 -17.10 -12.82 -5.13
C GLY B 77 -16.59 -13.97 -6.01
N TRP B 78 -15.85 -13.60 -7.03
CA TRP B 78 -15.29 -14.58 -7.94
C TRP B 78 -13.88 -14.27 -8.43
N TRP B 79 -13.13 -15.33 -8.68
CA TRP B 79 -11.77 -15.17 -9.16
C TRP B 79 -11.26 -16.18 -10.22
N TRP B 80 -10.71 -15.61 -11.27
CA TRP B 80 -10.17 -16.38 -12.36
C TRP B 80 -8.70 -16.09 -12.71
N LYS B 81 -8.01 -17.14 -13.08
CA LYS B 81 -6.61 -17.02 -13.44
C LYS B 81 -6.32 -17.27 -14.93
N LEU B 82 -5.28 -16.62 -15.40
CA LEU B 82 -4.88 -16.74 -16.78
C LEU B 82 -3.41 -17.07 -16.75
N PRO B 83 -2.95 -17.96 -17.58
CA PRO B 83 -3.75 -18.65 -18.52
C PRO B 83 -4.55 -19.88 -18.09
N ASP B 84 -4.74 -20.00 -16.78
CA ASP B 84 -5.48 -21.13 -16.25
C ASP B 84 -6.82 -21.42 -16.93
N ALA B 85 -7.81 -20.62 -16.59
CA ALA B 85 -9.13 -20.78 -17.15
C ALA B 85 -9.23 -21.30 -18.60
N LEU B 86 -8.35 -20.80 -19.43
CA LEU B 86 -8.31 -21.19 -20.81
C LEU B 86 -7.31 -22.31 -21.08
N ARG B 87 -7.30 -23.29 -20.19
CA ARG B 87 -6.39 -24.41 -20.33
C ARG B 87 -7.16 -25.55 -21.01
N ASP B 88 -8.46 -25.37 -21.09
CA ASP B 88 -9.32 -26.35 -21.70
C ASP B 88 -10.03 -25.79 -22.95
N MET B 89 -9.48 -24.72 -23.46
CA MET B 89 -10.03 -24.06 -24.62
C MET B 89 -9.37 -24.34 -26.00
N GLY B 90 -10.08 -25.10 -26.80
CA GLY B 90 -9.61 -25.44 -28.12
C GLY B 90 -8.12 -25.56 -28.39
N LEU B 91 -7.69 -24.89 -29.45
CA LEU B 91 -6.28 -24.92 -29.81
C LEU B 91 -5.34 -24.25 -28.83
N PHE B 92 -5.77 -23.11 -28.31
CA PHE B 92 -4.94 -22.38 -27.36
C PHE B 92 -4.59 -23.36 -26.23
N GLY B 93 -5.58 -24.17 -25.87
CA GLY B 93 -5.40 -25.13 -24.81
C GLY B 93 -4.37 -26.17 -25.24
N GLN B 94 -4.54 -26.68 -26.45
CA GLN B 94 -3.63 -27.67 -26.97
C GLN B 94 -2.19 -27.18 -27.03
N ASN B 95 -1.93 -26.22 -27.90
CA ASN B 95 -0.59 -25.68 -28.02
C ASN B 95 0.10 -25.39 -26.68
N MET B 96 -0.71 -24.97 -25.72
CA MET B 96 -0.18 -24.66 -24.41
C MET B 96 0.49 -25.90 -23.86
N TYR B 97 -0.28 -26.94 -23.62
CA TYR B 97 0.31 -28.16 -23.09
C TYR B 97 1.50 -28.69 -23.90
N TYR B 98 1.50 -28.37 -25.18
CA TYR B 98 2.57 -28.80 -26.05
C TYR B 98 3.90 -28.04 -26.03
N HIS B 99 3.98 -27.10 -25.12
CA HIS B 99 5.20 -26.31 -24.99
C HIS B 99 5.70 -26.07 -23.54
N TYR B 100 6.88 -25.48 -23.48
CA TYR B 100 7.50 -25.18 -22.22
C TYR B 100 7.45 -23.69 -21.94
N LEU B 101 7.44 -22.91 -23.00
CA LEU B 101 7.41 -21.47 -22.86
C LEU B 101 6.35 -20.80 -23.73
N GLY B 102 5.70 -19.81 -23.18
CA GLY B 102 4.67 -19.09 -23.92
C GLY B 102 4.14 -17.80 -23.30
N ARG B 103 3.95 -16.82 -24.16
CA ARG B 103 3.45 -15.53 -23.72
C ARG B 103 2.14 -15.22 -24.44
N SER B 104 1.19 -14.69 -23.69
CA SER B 104 -0.10 -14.37 -24.27
C SER B 104 -0.87 -13.20 -23.64
N GLY B 105 -1.43 -12.38 -24.50
CA GLY B 105 -2.19 -11.23 -24.06
C GLY B 105 -3.64 -11.66 -24.00
N TYR B 106 -4.50 -10.76 -23.55
CA TYR B 106 -5.92 -11.08 -23.46
C TYR B 106 -6.87 -9.89 -23.69
N THR B 107 -8.15 -10.21 -23.68
CA THR B 107 -9.18 -9.22 -23.86
C THR B 107 -10.40 -9.82 -23.11
N VAL B 108 -10.42 -9.53 -21.83
CA VAL B 108 -11.48 -9.98 -20.96
C VAL B 108 -12.71 -9.13 -21.24
N HIS B 109 -13.78 -9.81 -21.62
CA HIS B 109 -15.02 -9.13 -21.90
C HIS B 109 -16.10 -9.68 -20.95
N VAL B 110 -16.09 -9.13 -19.75
CA VAL B 110 -17.03 -9.55 -18.73
C VAL B 110 -18.40 -8.91 -19.09
N GLN B 111 -19.37 -9.79 -19.27
CA GLN B 111 -20.70 -9.38 -19.62
C GLN B 111 -21.58 -9.62 -18.38
N CYS B 112 -22.56 -8.75 -18.22
CA CYS B 112 -23.46 -8.85 -17.11
C CYS B 112 -24.53 -7.77 -17.24
N ASN B 113 -25.66 -8.15 -17.77
CA ASN B 113 -26.76 -7.21 -17.95
C ASN B 113 -27.93 -7.46 -17.00
N ALA B 114 -28.71 -6.42 -16.79
CA ALA B 114 -29.85 -6.48 -15.93
C ALA B 114 -30.92 -5.62 -16.59
N SER B 115 -31.55 -4.77 -15.80
CA SER B 115 -32.57 -3.90 -16.31
C SER B 115 -32.42 -2.51 -15.71
N LYS B 116 -33.34 -1.64 -16.06
CA LYS B 116 -33.34 -0.29 -15.56
C LYS B 116 -33.83 -0.34 -14.13
N PHE B 117 -34.49 -1.43 -13.79
CA PHE B 117 -35.01 -1.60 -12.45
C PHE B 117 -34.13 -2.32 -11.40
N HIS B 118 -32.96 -2.71 -11.86
CA HIS B 118 -32.00 -3.37 -11.00
C HIS B 118 -30.94 -2.33 -10.62
N GLN B 119 -30.19 -2.64 -9.58
CA GLN B 119 -29.15 -1.74 -9.12
C GLN B 119 -28.00 -2.48 -8.43
N GLY B 120 -26.84 -1.85 -8.47
CA GLY B 120 -25.66 -2.42 -7.86
C GLY B 120 -24.45 -2.20 -8.75
N ALA B 121 -23.32 -2.70 -8.28
CA ALA B 121 -22.08 -2.55 -9.02
C ALA B 121 -21.13 -3.74 -8.82
N LEU B 122 -20.46 -4.11 -9.88
CA LEU B 122 -19.53 -5.21 -9.84
C LEU B 122 -18.18 -4.61 -10.22
N GLY B 123 -17.18 -4.91 -9.41
CA GLY B 123 -15.84 -4.41 -9.68
C GLY B 123 -15.03 -5.46 -10.38
N VAL B 124 -14.80 -5.26 -11.66
CA VAL B 124 -14.01 -6.21 -12.43
C VAL B 124 -12.57 -5.69 -12.42
N PHE B 125 -11.75 -6.37 -11.63
CA PHE B 125 -10.36 -6.01 -11.50
C PHE B 125 -9.41 -6.96 -12.23
N ALA B 126 -8.29 -6.41 -12.64
CA ALA B 126 -7.28 -7.18 -13.32
C ALA B 126 -5.93 -6.99 -12.59
N VAL B 127 -5.63 -7.94 -11.73
CA VAL B 127 -4.41 -7.92 -10.98
C VAL B 127 -3.30 -8.76 -11.58
N PRO B 128 -2.27 -8.11 -12.04
CA PRO B 128 -1.15 -8.83 -12.63
C PRO B 128 -0.40 -9.54 -11.50
N GLU B 129 -0.49 -10.86 -11.54
CA GLU B 129 0.15 -11.69 -10.55
C GLU B 129 -0.73 -11.67 -9.30
N MET B 130 -1.98 -12.04 -9.50
CA MET B 130 -2.93 -12.06 -8.40
C MET B 130 -2.65 -13.26 -7.49
N CYS B 131 -1.81 -13.03 -6.51
CA CYS B 131 -1.45 -14.07 -5.57
C CYS B 131 -2.39 -14.06 -4.36
N LEU B 132 -3.17 -15.12 -4.26
CA LEU B 132 -4.11 -15.26 -3.17
C LEU B 132 -3.52 -16.05 -1.99
N ALA B 133 -4.12 -15.84 -0.83
CA ALA B 133 -3.66 -16.50 0.37
C ALA B 133 -4.22 -17.89 0.72
N GLY B 134 -3.49 -18.57 1.58
CA GLY B 134 -3.88 -19.89 2.01
C GLY B 134 -4.99 -19.96 3.05
N ASP B 135 -5.43 -21.17 3.32
CA ASP B 135 -6.50 -21.37 4.28
C ASP B 135 -6.20 -21.77 5.71
N SER B 136 -4.93 -21.99 6.01
CA SER B 136 -4.58 -22.40 7.36
C SER B 136 -3.45 -21.62 8.05
N ASN B 137 -3.57 -21.49 9.35
CA ASN B 137 -2.58 -20.80 10.14
C ASN B 137 -1.52 -21.78 10.67
N THR B 138 -1.54 -22.97 10.10
CA THR B 138 -0.61 -24.00 10.50
C THR B 138 0.49 -24.27 9.49
N THR B 139 0.15 -24.10 8.22
CA THR B 139 1.13 -24.34 7.17
C THR B 139 0.96 -23.34 6.00
N THR B 140 1.84 -22.35 6.02
CA THR B 140 1.85 -21.31 5.04
C THR B 140 2.36 -21.75 3.66
N MET B 141 1.85 -21.11 2.63
CA MET B 141 2.26 -21.43 1.28
C MET B 141 2.11 -22.90 0.93
N HIS B 142 1.05 -23.51 1.43
CA HIS B 142 0.85 -24.93 1.17
C HIS B 142 -0.36 -25.36 0.31
N THR B 143 -1.00 -24.37 -0.27
CA THR B 143 -2.14 -24.62 -1.12
C THR B 143 -1.70 -25.43 -2.34
N SER B 144 -2.36 -26.55 -2.54
CA SER B 144 -2.02 -27.42 -3.66
C SER B 144 -2.45 -26.88 -5.04
N TYR B 145 -1.76 -27.37 -6.06
CA TYR B 145 -2.04 -26.98 -7.42
C TYR B 145 -3.45 -27.21 -7.96
N GLN B 146 -4.06 -28.29 -7.51
CA GLN B 146 -5.39 -28.64 -7.93
C GLN B 146 -6.47 -27.61 -7.60
N ASN B 147 -6.24 -26.88 -6.53
CA ASN B 147 -7.18 -25.86 -6.10
C ASN B 147 -6.71 -24.49 -6.58
N ALA B 148 -5.43 -24.40 -6.90
CA ALA B 148 -4.85 -23.17 -7.37
C ALA B 148 -5.26 -22.86 -8.82
N ASN B 149 -5.55 -23.92 -9.54
CA ASN B 149 -5.97 -23.80 -10.91
C ASN B 149 -7.33 -24.45 -11.05
N PRO B 150 -8.35 -23.77 -10.56
CA PRO B 150 -9.69 -24.32 -10.64
C PRO B 150 -10.19 -24.39 -12.08
N GLY B 151 -9.51 -23.65 -12.95
CA GLY B 151 -9.87 -23.63 -14.34
C GLY B 151 -11.04 -22.70 -14.64
N GLU B 152 -11.85 -23.11 -15.60
CA GLU B 152 -13.00 -22.32 -16.00
C GLU B 152 -14.16 -22.21 -15.03
N LYS B 153 -14.14 -23.03 -14.00
CA LYS B 153 -15.23 -22.97 -13.02
C LYS B 153 -14.89 -21.80 -12.08
N GLY B 154 -13.61 -21.57 -11.94
CA GLY B 154 -13.12 -20.50 -11.10
C GLY B 154 -13.24 -20.65 -9.59
N GLY B 155 -12.58 -19.76 -8.88
CA GLY B 155 -12.61 -19.79 -7.42
C GLY B 155 -13.49 -18.69 -6.86
N THR B 156 -13.96 -18.91 -5.64
CA THR B 156 -14.83 -17.93 -5.00
C THR B 156 -14.40 -17.29 -3.68
N PHE B 157 -14.68 -16.01 -3.56
CA PHE B 157 -14.35 -15.28 -2.35
C PHE B 157 -15.31 -15.54 -1.19
N THR B 158 -14.84 -15.21 0.00
CA THR B 158 -15.62 -15.39 1.20
C THR B 158 -15.65 -14.16 2.12
N GLY B 159 -16.72 -14.06 2.89
CA GLY B 159 -16.88 -12.95 3.79
C GLY B 159 -16.46 -13.09 5.25
N THR B 160 -15.61 -14.05 5.51
CA THR B 160 -15.12 -14.31 6.84
C THR B 160 -13.99 -15.32 6.73
N PHE B 161 -12.92 -15.08 7.46
CA PHE B 161 -11.79 -16.02 7.41
C PHE B 161 -12.06 -17.29 8.22
N THR B 162 -11.85 -18.42 7.56
CA THR B 162 -12.06 -19.70 8.20
C THR B 162 -10.80 -20.55 8.12
N PRO B 163 -10.14 -20.70 9.25
CA PRO B 163 -8.92 -21.50 9.30
C PRO B 163 -9.21 -23.01 9.20
N ASP B 164 -8.33 -23.70 8.50
CA ASP B 164 -8.50 -25.13 8.35
C ASP B 164 -7.78 -25.78 9.54
N ASN B 165 -8.56 -26.55 10.29
CA ASN B 165 -8.02 -27.22 11.46
C ASN B 165 -7.65 -28.72 11.34
N ASN B 166 -7.87 -29.25 10.15
CA ASN B 166 -7.57 -30.64 9.90
C ASN B 166 -6.10 -30.74 9.45
N GLN B 167 -5.28 -31.25 10.37
CA GLN B 167 -3.87 -31.41 10.09
C GLN B 167 -3.58 -32.85 9.65
N THR B 168 -4.63 -33.63 9.60
CA THR B 168 -4.53 -35.01 9.21
C THR B 168 -4.40 -35.07 7.66
N SER B 169 -5.28 -34.29 7.04
CA SER B 169 -5.32 -34.20 5.61
C SER B 169 -5.99 -32.86 5.32
N PRO B 170 -5.19 -31.82 5.26
CA PRO B 170 -5.73 -30.49 4.99
C PRO B 170 -6.44 -30.28 3.64
N ALA B 171 -7.14 -29.18 3.55
CA ALA B 171 -7.87 -28.85 2.33
C ALA B 171 -6.97 -28.31 1.21
N ARG B 172 -5.97 -27.56 1.62
CA ARG B 172 -5.05 -26.98 0.68
C ARG B 172 -5.68 -26.14 -0.44
N ARG B 173 -6.46 -25.16 -0.02
CA ARG B 173 -7.13 -24.28 -0.96
C ARG B 173 -7.08 -22.82 -0.50
N PHE B 174 -7.43 -21.93 -1.41
CA PHE B 174 -7.43 -20.52 -1.08
C PHE B 174 -8.69 -20.16 -0.30
N CYS B 175 -8.50 -19.32 0.70
CA CYS B 175 -9.61 -18.90 1.53
C CYS B 175 -9.48 -17.37 1.48
N PRO B 176 -9.99 -16.80 0.39
CA PRO B 176 -9.92 -15.37 0.21
C PRO B 176 -11.10 -14.55 0.74
N VAL B 177 -10.80 -13.69 1.68
CA VAL B 177 -11.84 -12.86 2.27
C VAL B 177 -11.94 -11.55 1.46
N ASP B 178 -13.08 -11.41 0.80
CA ASP B 178 -13.36 -10.27 -0.02
C ASP B 178 -12.86 -8.86 0.26
N TYR B 179 -12.97 -8.43 1.50
CA TYR B 179 -12.51 -7.08 1.84
C TYR B 179 -10.97 -6.95 1.86
N LEU B 180 -10.32 -8.08 1.66
CA LEU B 180 -8.88 -8.12 1.64
C LEU B 180 -8.34 -8.62 0.29
N LEU B 181 -9.19 -8.54 -0.72
CA LEU B 181 -8.84 -8.96 -2.05
C LEU B 181 -8.26 -10.39 -2.15
N GLY B 182 -8.16 -11.02 -0.99
CA GLY B 182 -7.63 -12.35 -0.90
C GLY B 182 -6.13 -12.32 -0.65
N ASN B 183 -5.55 -11.15 -0.78
CA ASN B 183 -4.14 -10.98 -0.58
C ASN B 183 -3.74 -10.11 0.61
N GLY B 184 -4.73 -9.80 1.43
CA GLY B 184 -4.49 -8.97 2.60
C GLY B 184 -4.24 -7.46 2.51
N THR B 185 -4.79 -6.86 1.47
CA THR B 185 -4.64 -5.45 1.25
C THR B 185 -6.07 -4.96 1.27
N LEU B 186 -6.26 -3.66 1.16
CA LEU B 186 -7.62 -3.12 1.16
C LEU B 186 -8.23 -3.05 -0.25
N LEU B 187 -9.38 -3.68 -0.38
CA LEU B 187 -10.08 -3.72 -1.64
C LEU B 187 -10.32 -2.35 -2.28
N GLY B 188 -10.49 -1.36 -1.44
CA GLY B 188 -10.73 -0.01 -1.91
C GLY B 188 -9.55 0.59 -2.67
N ASN B 189 -8.39 -0.02 -2.50
CA ASN B 189 -7.20 0.44 -3.16
C ASN B 189 -6.94 -0.34 -4.45
N ALA B 190 -7.73 -1.38 -4.65
CA ALA B 190 -7.58 -2.21 -5.84
C ALA B 190 -7.81 -1.45 -7.16
N PHE B 191 -8.34 -0.25 -7.01
CA PHE B 191 -8.62 0.60 -8.13
C PHE B 191 -7.33 1.24 -8.67
N VAL B 192 -6.27 0.45 -8.65
CA VAL B 192 -4.99 0.89 -9.12
C VAL B 192 -4.63 -0.03 -10.30
N PHE B 193 -5.21 -1.21 -10.26
CA PHE B 193 -4.99 -2.19 -11.29
C PHE B 193 -6.02 -1.86 -12.34
N PRO B 194 -5.73 -2.18 -13.59
CA PRO B 194 -6.69 -1.89 -14.65
C PRO B 194 -8.04 -2.47 -14.28
N HIS B 195 -9.07 -1.65 -14.40
CA HIS B 195 -10.41 -2.11 -14.07
C HIS B 195 -11.60 -1.29 -14.61
N GLN B 196 -12.77 -1.89 -14.47
CA GLN B 196 -14.00 -1.28 -14.89
C GLN B 196 -15.10 -1.73 -13.93
N ILE B 197 -16.07 -0.85 -13.75
CA ILE B 197 -17.18 -1.13 -12.86
C ILE B 197 -18.50 -1.24 -13.60
N ILE B 198 -19.09 -2.43 -13.56
CA ILE B 198 -20.35 -2.65 -14.21
C ILE B 198 -21.43 -2.21 -13.21
N ASN B 199 -21.69 -0.92 -13.21
CA ASN B 199 -22.67 -0.35 -12.33
C ASN B 199 -23.98 -0.39 -13.14
N LEU B 200 -24.69 -1.49 -12.99
CA LEU B 200 -25.94 -1.69 -13.68
C LEU B 200 -26.64 -0.59 -14.49
N ARG B 201 -26.82 0.54 -13.84
CA ARG B 201 -27.48 1.67 -14.50
C ARG B 201 -26.80 2.18 -15.79
N THR B 202 -25.47 2.24 -15.71
CA THR B 202 -24.68 2.70 -16.82
C THR B 202 -24.54 1.73 -18.01
N ASN B 203 -23.51 0.92 -17.94
CA ASN B 203 -23.19 -0.05 -18.92
C ASN B 203 -23.70 -1.44 -18.57
N ASN B 204 -23.42 -2.39 -19.43
CA ASN B 204 -23.86 -3.76 -19.17
C ASN B 204 -22.77 -4.79 -19.43
N CYS B 205 -21.55 -4.31 -19.55
CA CYS B 205 -20.42 -5.17 -19.79
C CYS B 205 -19.13 -4.53 -19.23
N ALA B 206 -18.02 -5.15 -19.57
CA ALA B 206 -16.74 -4.68 -19.13
C ALA B 206 -15.72 -5.10 -20.18
N THR B 207 -14.64 -4.35 -20.28
CA THR B 207 -13.60 -4.68 -21.26
C THR B 207 -12.20 -4.21 -20.83
N LEU B 208 -11.31 -5.18 -20.72
CA LEU B 208 -9.95 -4.89 -20.32
C LEU B 208 -8.92 -5.69 -21.09
N VAL B 209 -8.22 -5.02 -21.99
CA VAL B 209 -7.21 -5.68 -22.78
C VAL B 209 -5.95 -5.60 -21.92
N LEU B 210 -5.46 -6.77 -21.53
CA LEU B 210 -4.29 -6.86 -20.71
C LEU B 210 -3.09 -7.43 -21.44
N PRO B 211 -2.03 -6.65 -21.55
CA PRO B 211 -0.85 -7.14 -22.26
C PRO B 211 -0.03 -8.09 -21.42
N TYR B 212 0.92 -8.74 -22.05
CA TYR B 212 1.76 -9.69 -21.31
C TYR B 212 2.70 -9.05 -20.32
N VAL B 213 2.44 -9.28 -19.04
CA VAL B 213 3.29 -8.71 -18.00
C VAL B 213 3.87 -9.85 -17.15
N ASN B 214 5.15 -9.70 -16.82
CA ASN B 214 5.86 -10.65 -16.03
C ASN B 214 7.22 -9.99 -15.85
N SER B 215 8.18 -10.75 -15.37
CA SER B 215 9.51 -10.25 -15.16
C SER B 215 10.36 -10.88 -16.29
N LEU B 216 9.78 -11.91 -16.87
CA LEU B 216 10.40 -12.62 -17.94
C LEU B 216 9.82 -12.25 -19.31
N SER B 217 10.59 -12.51 -20.35
CA SER B 217 10.14 -12.21 -21.69
C SER B 217 9.16 -13.28 -22.20
N ILE B 218 9.44 -14.50 -21.84
CA ILE B 218 8.62 -15.62 -22.23
C ILE B 218 8.78 -16.59 -21.07
N ASP B 219 7.67 -17.14 -20.62
CA ASP B 219 7.71 -18.08 -19.51
C ASP B 219 6.71 -19.25 -19.67
N SER B 220 6.87 -20.21 -18.77
CA SER B 220 6.04 -21.38 -18.77
C SER B 220 4.59 -21.07 -18.36
N MET B 221 3.67 -21.53 -19.19
CA MET B 221 2.27 -21.31 -18.94
C MET B 221 1.56 -22.18 -17.90
N VAL B 222 1.82 -23.47 -17.99
CA VAL B 222 1.21 -24.41 -17.06
C VAL B 222 1.61 -24.05 -15.61
N LYS B 223 2.89 -23.77 -15.47
CA LYS B 223 3.46 -23.42 -14.20
C LYS B 223 3.12 -22.02 -13.68
N HIS B 224 3.27 -21.03 -14.54
CA HIS B 224 2.98 -19.66 -14.14
C HIS B 224 1.76 -18.92 -14.72
N ASN B 225 1.02 -18.31 -13.81
CA ASN B 225 -0.16 -17.57 -14.17
C ASN B 225 0.07 -16.05 -14.16
N ASN B 226 -0.16 -15.45 -15.31
CA ASN B 226 0.03 -14.03 -15.47
C ASN B 226 -1.01 -13.07 -14.84
N TRP B 227 -2.14 -12.97 -15.49
CA TRP B 227 -3.19 -12.10 -15.02
C TRP B 227 -4.33 -12.78 -14.21
N GLY B 228 -4.74 -12.07 -13.18
CA GLY B 228 -5.80 -12.55 -12.33
C GLY B 228 -7.06 -11.70 -12.47
N ILE B 229 -8.16 -12.37 -12.73
CA ILE B 229 -9.43 -11.70 -12.89
C ILE B 229 -10.28 -11.91 -11.65
N ALA B 230 -10.44 -10.85 -10.88
CA ALA B 230 -11.23 -10.93 -9.67
C ALA B 230 -12.45 -10.00 -9.72
N ILE B 231 -13.62 -10.62 -9.68
CA ILE B 231 -14.85 -9.88 -9.72
C ILE B 231 -15.61 -9.97 -8.37
N LEU B 232 -15.69 -8.84 -7.71
CA LEU B 232 -16.36 -8.76 -6.44
C LEU B 232 -17.44 -7.69 -6.46
N PRO B 233 -18.54 -7.97 -5.78
CA PRO B 233 -19.62 -6.98 -5.76
C PRO B 233 -19.36 -5.71 -4.91
N LEU B 234 -19.28 -4.59 -5.59
CA LEU B 234 -19.06 -3.33 -4.93
C LEU B 234 -20.36 -2.87 -4.26
N ALA B 235 -21.45 -3.03 -5.01
CA ALA B 235 -22.75 -2.65 -4.52
C ALA B 235 -23.66 -3.86 -4.65
N PRO B 236 -24.42 -4.12 -3.61
CA PRO B 236 -25.32 -5.27 -3.62
C PRO B 236 -26.50 -5.25 -4.62
N LEU B 237 -26.78 -6.42 -5.16
CA LEU B 237 -27.85 -6.57 -6.12
C LEU B 237 -29.25 -6.57 -5.50
N ASN B 238 -29.96 -5.48 -5.72
CA ASN B 238 -31.31 -5.35 -5.21
C ASN B 238 -32.30 -5.15 -6.35
N PHE B 239 -33.42 -5.84 -6.27
CA PHE B 239 -34.44 -5.72 -7.28
C PHE B 239 -35.87 -5.58 -6.76
N ALA B 240 -36.49 -4.49 -7.15
CA ALA B 240 -37.86 -4.21 -6.73
C ALA B 240 -38.12 -4.35 -5.23
N SER B 241 -38.87 -5.39 -4.90
CA SER B 241 -39.20 -5.67 -3.53
C SER B 241 -39.17 -7.23 -3.48
N GLU B 242 -38.19 -7.75 -4.19
CA GLU B 242 -37.99 -9.16 -4.28
C GLU B 242 -36.80 -9.62 -3.43
N SER B 243 -37.09 -10.56 -2.55
CA SER B 243 -36.06 -11.09 -1.67
C SER B 243 -34.90 -11.91 -2.26
N SER B 244 -35.12 -12.42 -3.45
CA SER B 244 -34.10 -13.20 -4.12
C SER B 244 -33.91 -12.93 -5.60
N PRO B 245 -33.27 -11.81 -5.90
CA PRO B 245 -33.03 -11.44 -7.29
C PRO B 245 -31.83 -12.21 -7.84
N GLU B 246 -31.78 -12.32 -9.16
CA GLU B 246 -30.67 -13.04 -9.78
C GLU B 246 -30.45 -12.74 -11.26
N ILE B 247 -29.19 -12.51 -11.59
CA ILE B 247 -28.82 -12.22 -12.97
C ILE B 247 -27.52 -12.95 -13.15
N PRO B 248 -27.25 -13.41 -14.36
CA PRO B 248 -25.99 -14.14 -14.59
C PRO B 248 -24.78 -13.32 -15.04
N ILE B 249 -23.61 -13.83 -14.73
CA ILE B 249 -22.38 -13.16 -15.10
C ILE B 249 -21.58 -14.08 -16.03
N THR B 250 -21.13 -13.50 -17.12
CA THR B 250 -20.37 -14.24 -18.10
C THR B 250 -19.09 -13.52 -18.54
N LEU B 251 -18.04 -14.28 -18.71
CA LEU B 251 -16.77 -13.72 -19.12
C LEU B 251 -16.28 -14.43 -20.39
N THR B 252 -15.66 -13.67 -21.26
CA THR B 252 -15.14 -14.22 -22.49
C THR B 252 -13.79 -13.49 -22.78
N ILE B 253 -12.74 -14.13 -22.31
CA ILE B 253 -11.41 -13.62 -22.47
C ILE B 253 -10.79 -14.21 -23.74
N ALA B 254 -10.22 -13.32 -24.55
CA ALA B 254 -9.60 -13.77 -25.79
C ALA B 254 -8.10 -13.49 -25.84
N PRO B 255 -7.32 -14.52 -26.11
CA PRO B 255 -5.88 -14.34 -26.18
C PRO B 255 -5.50 -13.46 -27.38
N MET B 256 -4.41 -12.75 -27.22
CA MET B 256 -3.93 -11.89 -28.28
C MET B 256 -2.39 -11.95 -28.34
N CYS B 257 -1.88 -11.90 -29.55
CA CYS B 257 -0.46 -11.96 -29.77
C CYS B 257 0.22 -13.12 -29.00
N CYS B 258 -0.30 -14.30 -29.25
CA CYS B 258 0.19 -15.49 -28.63
C CYS B 258 1.25 -16.22 -29.48
N GLU B 259 2.21 -16.78 -28.79
CA GLU B 259 3.28 -17.50 -29.42
C GLU B 259 3.79 -18.57 -28.44
N PHE B 260 4.43 -19.58 -28.99
CA PHE B 260 4.95 -20.65 -28.18
C PHE B 260 6.32 -21.19 -28.61
N ASN B 261 7.15 -21.45 -27.62
CA ASN B 261 8.48 -21.97 -27.88
C ASN B 261 8.83 -23.26 -27.13
N GLY B 262 9.46 -24.16 -27.85
CA GLY B 262 9.86 -25.43 -27.28
C GLY B 262 8.84 -26.55 -27.41
N LEU B 263 8.71 -27.08 -28.61
CA LEU B 263 7.76 -28.15 -28.84
C LEU B 263 8.24 -29.49 -28.28
N ARG B 264 7.48 -30.01 -27.34
CA ARG B 264 7.82 -31.25 -26.69
C ARG B 264 6.57 -32.16 -26.73
N ASN B 265 6.62 -33.19 -25.92
CA ASN B 265 5.52 -34.12 -25.83
C ASN B 265 4.41 -33.49 -25.00
N ILE B 266 3.22 -34.05 -25.10
CA ILE B 266 2.10 -33.50 -24.34
C ILE B 266 2.12 -33.62 -22.79
N THR B 267 1.78 -32.52 -22.16
CA THR B 267 1.75 -32.47 -20.72
C THR B 267 0.36 -32.92 -20.24
N LEU B 268 0.38 -33.79 -19.24
CA LEU B 268 -0.84 -34.30 -18.68
C LEU B 268 -0.72 -34.08 -17.17
N PRO B 269 -1.28 -32.97 -16.72
CA PRO B 269 -1.23 -32.64 -15.32
C PRO B 269 -2.36 -33.22 -14.45
N ARG B 270 -1.98 -33.62 -13.25
CA ARG B 270 -2.93 -34.17 -12.32
C ARG B 270 -3.75 -32.94 -11.90
N LEU B 271 -5.00 -32.93 -12.31
CA LEU B 271 -5.85 -31.80 -11.98
C LEU B 271 -6.71 -31.92 -10.72
N GLN B 272 -6.91 -33.15 -10.28
CA GLN B 272 -7.71 -33.40 -9.09
C GLN B 272 -6.98 -34.02 -7.89
N GLY C 1 51.80 10.39 2.16
CA GLY C 1 51.20 11.13 1.01
C GLY C 1 50.29 12.29 1.45
N LEU C 2 49.54 12.79 0.50
CA LEU C 2 48.63 13.87 0.75
C LEU C 2 48.15 14.22 2.16
N PRO C 3 48.52 15.40 2.61
CA PRO C 3 48.12 15.84 3.93
C PRO C 3 46.61 16.00 4.05
N VAL C 4 46.02 15.16 4.89
CA VAL C 4 44.60 15.19 5.10
C VAL C 4 44.24 15.29 6.58
N MET C 5 43.05 15.80 6.84
CA MET C 5 42.59 15.94 8.21
C MET C 5 41.16 15.44 8.32
N ASN C 6 40.91 14.70 9.39
CA ASN C 6 39.59 14.15 9.63
C ASN C 6 38.64 15.17 10.30
N THR C 7 37.42 15.16 9.81
CA THR C 7 36.39 16.05 10.33
C THR C 7 35.28 15.26 10.99
N PRO C 8 34.56 15.93 11.89
CA PRO C 8 33.46 15.25 12.56
C PRO C 8 32.51 14.66 11.52
N GLY C 9 32.30 13.37 11.62
CA GLY C 9 31.43 12.69 10.69
C GLY C 9 32.14 11.48 10.07
N SER C 10 33.40 11.33 10.44
CA SER C 10 34.20 10.24 9.96
C SER C 10 33.79 9.04 10.78
N ASN C 11 33.61 7.91 10.12
CA ASN C 11 33.22 6.69 10.80
C ASN C 11 31.78 6.64 11.34
N GLN C 12 30.90 7.34 10.63
CA GLN C 12 29.50 7.37 11.03
C GLN C 12 28.66 6.85 9.84
N TYR C 13 27.77 5.93 10.16
CA TYR C 13 26.91 5.37 9.15
C TYR C 13 25.54 6.03 9.10
N LEU C 14 25.28 6.74 8.01
CA LEU C 14 24.02 7.41 7.83
C LEU C 14 23.19 6.38 7.08
N THR C 15 21.94 6.26 7.48
CA THR C 15 21.04 5.31 6.85
C THR C 15 20.46 5.93 5.56
N ALA C 16 20.52 7.24 5.50
CA ALA C 16 20.02 7.98 4.37
C ALA C 16 21.08 8.65 3.50
N ASP C 17 22.30 8.19 3.66
CA ASP C 17 23.40 8.74 2.90
C ASP C 17 23.40 8.35 1.40
N ASN C 18 24.51 8.64 0.76
CA ASN C 18 24.67 8.35 -0.63
C ASN C 18 26.17 8.51 -0.88
N PHE C 19 26.85 7.37 -0.90
CA PHE C 19 28.27 7.34 -1.13
C PHE C 19 28.64 6.08 -1.93
N GLN C 20 29.62 6.24 -2.79
CA GLN C 20 30.07 5.13 -3.60
C GLN C 20 30.70 4.12 -2.65
N SER C 21 30.73 2.87 -3.09
CA SER C 21 31.30 1.81 -2.28
C SER C 21 31.80 0.72 -3.19
N PRO C 22 32.83 0.01 -2.76
CA PRO C 22 33.37 -1.07 -3.57
C PRO C 22 32.38 -2.18 -3.96
N CYS C 23 32.75 -2.92 -5.00
CA CYS C 23 31.90 -3.99 -5.47
C CYS C 23 32.25 -5.46 -5.12
N ALA C 24 31.20 -6.19 -4.79
CA ALA C 24 31.33 -7.58 -4.44
C ALA C 24 31.44 -8.59 -5.58
N LEU C 25 30.88 -8.23 -6.71
CA LEU C 25 30.91 -9.10 -7.87
C LEU C 25 31.41 -8.36 -9.09
N PRO C 26 32.69 -8.00 -9.08
CA PRO C 26 33.23 -7.28 -10.23
C PRO C 26 32.96 -7.95 -11.58
N GLU C 27 32.57 -7.12 -12.53
CA GLU C 27 32.26 -7.60 -13.85
C GLU C 27 31.13 -8.59 -13.97
N PHE C 28 30.18 -8.51 -13.05
CA PHE C 28 29.04 -9.42 -13.08
C PHE C 28 28.24 -9.02 -14.29
N ASP C 29 27.90 -9.99 -15.11
CA ASP C 29 27.12 -9.69 -16.31
C ASP C 29 25.67 -9.35 -15.90
N VAL C 30 25.35 -8.08 -16.05
CA VAL C 30 24.04 -7.59 -15.70
C VAL C 30 23.10 -7.95 -16.84
N THR C 31 22.00 -8.60 -16.48
CA THR C 31 21.02 -8.97 -17.48
C THR C 31 20.25 -7.74 -17.93
N PRO C 32 20.31 -7.46 -19.22
CA PRO C 32 19.62 -6.30 -19.75
C PRO C 32 18.14 -6.35 -19.42
N PRO C 33 17.60 -5.21 -19.00
CA PRO C 33 16.18 -5.17 -18.68
C PRO C 33 15.31 -4.98 -19.93
N ILE C 34 14.13 -5.57 -19.88
CA ILE C 34 13.21 -5.45 -21.00
C ILE C 34 12.28 -4.27 -20.72
N ASP C 35 11.36 -4.05 -21.63
CA ASP C 35 10.42 -2.94 -21.47
C ASP C 35 9.07 -3.61 -21.06
N ILE C 36 8.93 -3.73 -19.75
CA ILE C 36 7.76 -4.30 -19.18
C ILE C 36 6.77 -3.16 -19.15
N PRO C 37 5.53 -3.44 -19.51
CA PRO C 37 4.52 -2.39 -19.51
C PRO C 37 4.17 -1.88 -18.12
N GLY C 38 3.89 -0.59 -18.03
CA GLY C 38 3.54 0.02 -16.77
C GLY C 38 4.67 0.27 -15.77
N GLU C 39 5.36 1.37 -15.99
CA GLU C 39 6.47 1.73 -15.12
C GLU C 39 6.22 3.06 -14.40
N VAL C 40 6.37 3.02 -13.08
CA VAL C 40 6.17 4.19 -12.27
C VAL C 40 7.49 4.98 -12.20
N LYS C 41 7.37 6.19 -11.71
CA LYS C 41 8.50 7.07 -11.57
C LYS C 41 8.39 7.93 -10.30
N ASN C 42 7.17 8.08 -9.84
CA ASN C 42 6.88 8.85 -8.67
C ASN C 42 5.65 8.28 -7.94
N MET C 43 5.65 8.46 -6.64
CA MET C 43 4.56 7.98 -5.82
C MET C 43 3.25 8.75 -6.11
N MET C 44 3.43 9.99 -6.51
CA MET C 44 2.31 10.84 -6.82
C MET C 44 1.40 10.36 -7.97
N GLU C 45 1.84 9.30 -8.62
CA GLU C 45 1.09 8.74 -9.71
C GLU C 45 0.12 7.73 -9.09
N LEU C 46 0.63 6.99 -8.13
CA LEU C 46 -0.15 6.00 -7.45
C LEU C 46 -1.25 6.76 -6.70
N ALA C 47 -0.94 7.98 -6.35
CA ALA C 47 -1.88 8.82 -5.64
C ALA C 47 -3.01 9.46 -6.43
N GLU C 48 -2.74 9.73 -7.70
CA GLU C 48 -3.76 10.33 -8.54
C GLU C 48 -4.73 9.33 -9.18
N ILE C 49 -4.86 8.18 -8.54
CA ILE C 49 -5.75 7.16 -9.03
C ILE C 49 -6.81 7.11 -7.95
N ASP C 50 -8.06 7.27 -8.35
CA ASP C 50 -9.15 7.24 -7.40
C ASP C 50 -9.13 6.02 -6.48
N THR C 51 -9.47 6.25 -5.23
CA THR C 51 -9.49 5.18 -4.26
C THR C 51 -10.77 5.16 -3.42
N MET C 52 -11.42 4.02 -3.42
CA MET C 52 -12.65 3.86 -2.66
C MET C 52 -12.51 4.05 -1.13
N ILE C 53 -13.09 5.16 -0.69
CA ILE C 53 -13.08 5.53 0.69
C ILE C 53 -14.00 4.64 1.52
N PRO C 54 -13.43 4.00 2.52
CA PRO C 54 -14.24 3.13 3.37
C PRO C 54 -14.92 4.00 4.44
N PHE C 55 -15.89 4.77 4.00
CA PHE C 55 -16.62 5.64 4.91
C PHE C 55 -17.15 5.14 6.26
N ASP C 56 -18.31 4.51 6.21
CA ASP C 56 -18.94 4.00 7.40
C ASP C 56 -18.12 2.96 8.16
N LEU C 57 -17.52 3.39 9.24
CA LEU C 57 -16.72 2.52 10.07
C LEU C 57 -17.36 2.26 11.44
N SER C 58 -18.66 2.00 11.40
CA SER C 58 -19.40 1.73 12.61
C SER C 58 -19.06 0.35 13.16
N ALA C 59 -19.27 0.20 14.46
CA ALA C 59 -18.98 -1.05 15.12
C ALA C 59 -19.29 -2.33 14.33
N THR C 60 -20.47 -2.35 13.74
CA THR C 60 -20.90 -3.49 12.97
C THR C 60 -20.35 -3.62 11.54
N LYS C 61 -20.36 -2.50 10.85
CA LYS C 61 -19.88 -2.47 9.49
C LYS C 61 -18.38 -2.46 9.17
N LYS C 62 -17.58 -2.19 10.19
CA LYS C 62 -16.14 -2.15 9.98
C LYS C 62 -15.53 -3.50 9.58
N ASN C 63 -14.46 -3.40 8.82
CA ASN C 63 -13.75 -4.56 8.35
C ASN C 63 -14.58 -5.65 7.61
N THR C 64 -15.47 -5.15 6.77
CA THR C 64 -16.34 -5.97 5.99
C THR C 64 -16.73 -5.06 4.83
N MET C 65 -17.34 -5.65 3.82
CA MET C 65 -17.76 -4.88 2.67
C MET C 65 -18.60 -3.61 2.93
N GLU C 66 -19.43 -3.72 3.95
CA GLU C 66 -20.29 -2.64 4.36
C GLU C 66 -19.69 -1.31 4.76
N MET C 67 -18.37 -1.25 4.82
CA MET C 67 -17.72 -0.02 5.20
C MET C 67 -17.58 0.97 4.04
N TYR C 68 -17.80 0.46 2.84
CA TYR C 68 -17.72 1.27 1.65
C TYR C 68 -19.10 1.67 1.10
N ARG C 69 -20.12 1.16 1.76
CA ARG C 69 -21.49 1.44 1.35
C ARG C 69 -22.27 2.50 2.16
N VAL C 70 -22.24 3.71 1.63
CA VAL C 70 -22.92 4.82 2.26
C VAL C 70 -24.34 4.74 1.70
N ARG C 71 -25.20 4.08 2.46
CA ARG C 71 -26.59 3.93 2.02
C ARG C 71 -27.64 5.08 2.05
N LEU C 72 -28.22 5.30 0.88
CA LEU C 72 -29.21 6.32 0.71
C LEU C 72 -30.64 5.78 0.63
N SER C 73 -31.58 6.65 0.93
CA SER C 73 -32.99 6.26 0.91
C SER C 73 -33.97 7.31 0.36
N ASP C 74 -35.17 6.84 0.06
CA ASP C 74 -36.19 7.73 -0.47
C ASP C 74 -37.09 8.51 0.52
N LYS C 75 -36.54 8.70 1.70
CA LYS C 75 -37.24 9.42 2.74
C LYS C 75 -37.42 10.89 2.41
N PRO C 76 -38.44 11.50 2.99
CA PRO C 76 -38.66 12.93 2.71
C PRO C 76 -37.53 13.91 3.06
N HIS C 77 -37.55 15.04 2.40
CA HIS C 77 -36.53 16.06 2.64
C HIS C 77 -36.06 16.44 4.05
N THR C 78 -34.74 16.41 4.20
CA THR C 78 -34.11 16.74 5.45
C THR C 78 -32.69 17.31 5.26
N ASP C 79 -32.37 18.30 6.08
CA ASP C 79 -31.06 18.92 6.01
C ASP C 79 -29.97 18.17 6.76
N ASP C 80 -30.32 17.01 7.28
CA ASP C 80 -29.38 16.21 8.03
C ASP C 80 -28.32 15.53 7.15
N PRO C 81 -27.10 15.52 7.64
CA PRO C 81 -26.02 14.91 6.90
C PRO C 81 -26.11 13.43 6.49
N ILE C 82 -25.53 13.14 5.34
CA ILE C 82 -25.52 11.80 4.82
C ILE C 82 -24.17 11.26 5.29
N LEU C 83 -23.18 12.14 5.28
CA LEU C 83 -21.85 11.78 5.70
C LEU C 83 -21.01 12.99 6.10
N CYS C 84 -20.19 12.80 7.11
CA CYS C 84 -19.32 13.83 7.60
C CYS C 84 -17.90 13.32 7.46
N LEU C 85 -16.96 14.23 7.31
CA LEU C 85 -15.57 13.81 7.17
C LEU C 85 -14.49 14.87 7.45
N SER C 86 -13.36 14.40 7.94
CA SER C 86 -12.26 15.29 8.25
C SER C 86 -11.27 15.32 7.11
N LEU C 87 -10.90 16.51 6.67
CA LEU C 87 -9.95 16.60 5.58
C LEU C 87 -8.56 16.37 6.23
N SER C 88 -8.41 15.17 6.76
CA SER C 88 -7.20 14.77 7.40
C SER C 88 -6.81 13.51 6.64
N PRO C 89 -6.50 13.71 5.35
CA PRO C 89 -6.14 12.54 4.54
C PRO C 89 -5.23 11.50 5.17
N ALA C 90 -4.16 11.98 5.78
CA ALA C 90 -3.21 11.08 6.41
C ALA C 90 -3.46 10.63 7.83
N SER C 91 -4.57 11.09 8.40
CA SER C 91 -4.88 10.70 9.78
C SER C 91 -6.28 10.21 10.16
N ASP C 92 -7.25 10.57 9.34
CA ASP C 92 -8.62 10.17 9.58
C ASP C 92 -8.83 8.71 9.20
N PRO C 93 -9.27 7.92 10.16
CA PRO C 93 -9.51 6.51 9.90
C PRO C 93 -10.19 6.25 8.54
N ARG C 94 -11.03 7.19 8.17
CA ARG C 94 -11.76 7.12 6.93
C ARG C 94 -10.88 7.39 5.72
N LEU C 95 -9.91 8.26 5.89
CA LEU C 95 -9.00 8.58 4.80
C LEU C 95 -7.60 7.97 4.88
N SER C 96 -7.24 7.57 6.09
CA SER C 96 -5.93 6.98 6.30
C SER C 96 -5.67 5.60 5.70
N HIS C 97 -6.76 4.94 5.35
CA HIS C 97 -6.65 3.62 4.76
C HIS C 97 -6.86 3.48 3.25
N THR C 98 -6.73 4.60 2.57
CA THR C 98 -6.88 4.62 1.12
C THR C 98 -5.51 4.77 0.48
N MET C 99 -5.43 4.45 -0.80
CA MET C 99 -4.16 4.55 -1.50
C MET C 99 -3.51 5.89 -1.23
N LEU C 100 -4.31 6.95 -1.35
CA LEU C 100 -3.81 8.29 -1.11
C LEU C 100 -3.34 8.40 0.34
N GLY C 101 -4.13 7.85 1.25
CA GLY C 101 -3.79 7.89 2.65
C GLY C 101 -2.48 7.17 2.92
N GLU C 102 -2.36 5.98 2.36
CA GLU C 102 -1.17 5.17 2.53
C GLU C 102 0.13 5.76 2.04
N ILE C 103 0.05 6.58 1.02
CA ILE C 103 1.27 7.19 0.47
C ILE C 103 1.75 8.28 1.43
N LEU C 104 0.82 9.14 1.83
CA LEU C 104 1.16 10.22 2.73
C LEU C 104 1.74 9.79 4.08
N ASN C 105 1.32 8.62 4.53
CA ASN C 105 1.81 8.11 5.81
C ASN C 105 3.32 7.79 5.91
N TYR C 106 3.99 7.99 4.80
CA TYR C 106 5.41 7.77 4.73
C TYR C 106 6.08 9.15 4.66
N TYR C 107 5.26 10.17 4.70
CA TYR C 107 5.76 11.52 4.66
C TYR C 107 5.22 12.32 5.84
N THR C 108 5.77 13.51 6.01
CA THR C 108 5.36 14.36 7.11
C THR C 108 4.47 15.53 6.67
N HIS C 109 4.75 16.03 5.47
CA HIS C 109 3.99 17.14 4.93
C HIS C 109 3.37 16.84 3.58
N TRP C 110 2.09 17.12 3.47
CA TRP C 110 1.41 16.88 2.21
C TRP C 110 0.81 18.23 1.84
N ALA C 111 0.73 18.49 0.55
CA ALA C 111 0.19 19.75 0.07
C ALA C 111 -0.25 19.72 -1.41
N GLY C 112 -1.35 20.40 -1.66
CA GLY C 112 -1.90 20.47 -2.98
C GLY C 112 -3.41 20.25 -2.96
N SER C 113 -3.93 19.79 -4.08
CA SER C 113 -5.35 19.54 -4.19
C SER C 113 -5.75 18.05 -4.19
N LEU C 114 -6.91 17.80 -3.60
CA LEU C 114 -7.45 16.47 -3.52
C LEU C 114 -8.72 16.47 -4.35
N LYS C 115 -9.20 15.28 -4.66
CA LYS C 115 -10.42 15.18 -5.45
C LYS C 115 -11.30 13.94 -5.18
N PHE C 116 -12.43 14.20 -4.58
CA PHE C 116 -13.38 13.17 -4.25
C PHE C 116 -14.26 12.95 -5.47
N THR C 117 -14.60 11.70 -5.71
CA THR C 117 -15.44 11.35 -6.84
C THR C 117 -16.47 10.33 -6.38
N PHE C 118 -17.71 10.78 -6.34
CA PHE C 118 -18.80 9.92 -5.93
C PHE C 118 -19.57 9.26 -7.09
N LEU C 119 -19.85 7.99 -6.90
CA LEU C 119 -20.55 7.20 -7.87
C LEU C 119 -21.92 6.77 -7.36
N PHE C 120 -22.95 7.13 -8.11
CA PHE C 120 -24.30 6.76 -7.72
C PHE C 120 -24.56 5.32 -8.14
N CYS C 121 -24.96 4.51 -7.18
CA CYS C 121 -25.23 3.12 -7.45
C CYS C 121 -26.66 2.71 -7.04
N GLY C 122 -27.61 3.24 -7.79
CA GLY C 122 -29.00 2.98 -7.58
C GLY C 122 -29.54 2.73 -8.98
N SER C 123 -30.75 2.22 -9.04
CA SER C 123 -31.39 1.94 -10.32
C SER C 123 -31.45 3.08 -11.33
N MET C 124 -31.73 2.71 -12.57
CA MET C 124 -31.82 3.71 -13.62
C MET C 124 -33.04 4.64 -13.45
N MET C 125 -34.09 4.07 -12.90
CA MET C 125 -35.31 4.80 -12.67
C MET C 125 -35.33 5.67 -11.40
N ALA C 126 -34.21 5.69 -10.72
CA ALA C 126 -34.08 6.47 -9.51
C ALA C 126 -33.38 7.76 -9.90
N THR C 127 -33.74 8.84 -9.23
CA THR C 127 -33.14 10.14 -9.51
C THR C 127 -32.78 10.89 -8.23
N GLY C 128 -32.27 12.09 -8.42
CA GLY C 128 -31.90 12.92 -7.30
C GLY C 128 -30.83 14.00 -7.52
N LYS C 129 -30.61 14.77 -6.47
CA LYS C 129 -29.65 15.84 -6.50
C LYS C 129 -29.08 15.88 -5.07
N LEU C 130 -27.77 15.95 -4.99
CA LEU C 130 -27.11 15.99 -3.70
C LEU C 130 -26.14 17.16 -3.62
N LEU C 131 -25.83 17.55 -2.39
CA LEU C 131 -24.92 18.67 -2.19
C LEU C 131 -23.72 18.19 -1.34
N VAL C 132 -22.65 17.89 -2.05
CA VAL C 132 -21.43 17.44 -1.42
C VAL C 132 -20.73 18.76 -1.20
N SER C 133 -20.16 18.91 -0.02
CA SER C 133 -19.46 20.16 0.31
C SER C 133 -18.12 20.11 1.07
N TYR C 134 -17.44 21.23 1.01
CA TYR C 134 -16.18 21.40 1.67
C TYR C 134 -16.07 22.82 2.24
N ALA C 135 -15.81 22.88 3.53
CA ALA C 135 -15.68 24.14 4.20
C ALA C 135 -14.33 24.10 4.88
N PRO C 136 -13.63 25.23 4.85
CA PRO C 136 -12.33 25.29 5.49
C PRO C 136 -12.54 25.19 7.00
N PRO C 137 -11.49 24.83 7.72
CA PRO C 137 -11.61 24.70 9.16
C PRO C 137 -11.46 25.97 9.99
N GLY C 138 -11.71 25.84 11.28
CA GLY C 138 -11.61 26.97 12.19
C GLY C 138 -12.96 27.58 12.52
N ALA C 139 -13.97 26.73 12.51
CA ALA C 139 -15.32 27.15 12.81
C ALA C 139 -16.18 25.91 13.13
N ASP C 140 -17.47 26.16 13.27
CA ASP C 140 -18.40 25.11 13.58
C ASP C 140 -18.53 24.04 12.51
N PRO C 141 -18.41 22.79 12.90
CA PRO C 141 -18.54 21.72 11.91
C PRO C 141 -20.01 21.75 11.55
N PRO C 142 -20.30 21.95 10.27
CA PRO C 142 -21.71 22.02 9.87
C PRO C 142 -22.53 20.72 9.95
N LYS C 143 -23.72 20.86 10.50
CA LYS C 143 -24.59 19.71 10.66
C LYS C 143 -25.97 19.90 9.96
N LYS C 144 -26.05 20.99 9.22
CA LYS C 144 -27.24 21.32 8.49
C LYS C 144 -26.82 21.76 7.09
N ARG C 145 -27.63 21.38 6.12
CA ARG C 145 -27.35 21.73 4.75
C ARG C 145 -27.06 23.23 4.63
N LYS C 146 -27.91 24.01 5.26
CA LYS C 146 -27.80 25.44 5.26
C LYS C 146 -26.41 26.03 5.51
N GLU C 147 -25.63 25.32 6.32
CA GLU C 147 -24.29 25.75 6.64
C GLU C 147 -23.19 25.24 5.69
N ALA C 148 -23.39 24.01 5.25
CA ALA C 148 -22.44 23.40 4.34
C ALA C 148 -22.63 24.14 3.00
N MET C 149 -23.83 24.63 2.82
CA MET C 149 -24.19 25.36 1.64
C MET C 149 -23.46 26.71 1.54
N LEU C 150 -22.99 27.16 2.69
CA LEU C 150 -22.28 28.42 2.74
C LEU C 150 -20.80 28.33 2.33
N GLY C 151 -20.37 27.12 2.03
CA GLY C 151 -19.00 26.91 1.62
C GLY C 151 -18.73 26.43 0.19
N THR C 152 -17.56 25.87 0.00
CA THR C 152 -17.17 25.37 -1.30
C THR C 152 -17.89 24.04 -1.49
N HIS C 153 -18.79 24.03 -2.46
CA HIS C 153 -19.56 22.83 -2.74
C HIS C 153 -19.86 22.64 -4.23
N VAL C 154 -20.33 21.44 -4.55
CA VAL C 154 -20.68 21.11 -5.91
C VAL C 154 -22.03 20.41 -5.88
N ILE C 155 -23.04 21.10 -6.41
CA ILE C 155 -24.37 20.54 -6.45
C ILE C 155 -24.37 19.46 -7.56
N TRP C 156 -24.74 18.26 -7.15
CA TRP C 156 -24.79 17.14 -8.03
C TRP C 156 -26.13 16.45 -8.41
N ASP C 157 -26.31 16.33 -9.72
CA ASP C 157 -27.47 15.72 -10.28
C ASP C 157 -27.17 14.27 -10.70
N ILE C 158 -28.09 13.40 -10.32
CA ILE C 158 -27.98 12.00 -10.62
C ILE C 158 -28.63 11.73 -11.98
N GLY C 159 -27.84 11.15 -12.86
CA GLY C 159 -28.34 10.84 -14.19
C GLY C 159 -27.54 9.83 -15.02
N LEU C 160 -27.51 10.08 -16.31
CA LEU C 160 -26.79 9.20 -17.22
C LEU C 160 -25.29 9.12 -16.88
N GLN C 161 -24.77 10.23 -16.41
CA GLN C 161 -23.39 10.32 -16.04
C GLN C 161 -23.56 10.02 -14.54
N SER C 162 -23.27 8.79 -14.18
CA SER C 162 -23.39 8.36 -12.81
C SER C 162 -22.48 8.95 -11.73
N SER C 163 -21.35 9.46 -12.15
CA SER C 163 -20.41 10.06 -11.21
C SER C 163 -20.15 11.57 -11.32
N CYS C 164 -19.78 12.14 -10.18
CA CYS C 164 -19.50 13.57 -10.13
C CYS C 164 -18.20 13.81 -9.39
N THR C 165 -17.72 15.05 -9.47
CA THR C 165 -16.48 15.40 -8.78
C THR C 165 -16.40 16.83 -8.22
N MET C 166 -16.12 16.89 -6.94
CA MET C 166 -15.99 18.14 -6.24
C MET C 166 -14.49 18.25 -6.01
N VAL C 167 -13.94 19.40 -6.34
CA VAL C 167 -12.52 19.62 -6.15
C VAL C 167 -12.24 20.51 -4.95
N VAL C 168 -11.58 19.96 -3.95
CA VAL C 168 -11.25 20.70 -2.77
C VAL C 168 -9.94 21.35 -3.14
N PRO C 169 -9.98 22.64 -3.40
CA PRO C 169 -8.75 23.34 -3.77
C PRO C 169 -7.92 23.57 -2.51
N TRP C 170 -6.63 23.76 -2.70
CA TRP C 170 -5.75 24.00 -1.58
C TRP C 170 -5.90 25.42 -1.03
N ILE C 171 -6.48 25.50 0.16
CA ILE C 171 -6.71 26.76 0.82
C ILE C 171 -6.24 26.50 2.25
N SER C 172 -4.96 26.71 2.46
CA SER C 172 -4.38 26.51 3.78
C SER C 172 -3.34 27.54 4.21
N ASN C 173 -3.34 27.81 5.50
CA ASN C 173 -2.41 28.76 6.07
C ASN C 173 -0.92 28.56 5.77
N THR C 174 -0.49 27.32 5.90
CA THR C 174 0.89 26.99 5.66
C THR C 174 1.07 26.53 4.21
N THR C 175 2.30 26.20 3.88
CA THR C 175 2.63 25.74 2.56
C THR C 175 2.49 24.22 2.47
N TYR C 176 2.31 23.61 3.63
CA TYR C 176 2.16 22.20 3.75
C TYR C 176 1.56 21.86 5.11
N ARG C 177 0.65 20.91 5.12
CA ARG C 177 0.02 20.52 6.39
C ARG C 177 0.57 19.24 7.02
N GLN C 178 0.47 19.17 8.34
CA GLN C 178 0.93 18.01 9.05
C GLN C 178 0.02 16.83 8.69
N THR C 179 0.63 15.71 8.38
CA THR C 179 -0.09 14.53 8.02
C THR C 179 -0.84 13.90 9.20
N ILE C 180 -0.74 14.56 10.34
CA ILE C 180 -1.38 14.11 11.55
C ILE C 180 -2.51 14.98 12.10
N ASP C 181 -3.11 14.47 13.16
CA ASP C 181 -4.20 15.19 13.80
C ASP C 181 -3.79 16.42 14.64
N ASP C 182 -3.43 17.47 13.92
CA ASP C 182 -3.03 18.70 14.56
C ASP C 182 -3.97 19.84 14.12
N SER C 183 -4.22 20.71 15.08
CA SER C 183 -5.09 21.83 14.84
C SER C 183 -4.56 22.97 13.98
N PHE C 184 -3.37 23.44 14.31
CA PHE C 184 -2.78 24.52 13.54
C PHE C 184 -2.87 24.25 12.02
N THR C 185 -2.60 23.01 11.68
CA THR C 185 -2.64 22.58 10.32
C THR C 185 -3.80 21.57 10.19
N GLU C 186 -4.99 22.07 10.48
CA GLU C 186 -6.18 21.23 10.40
C GLU C 186 -6.72 21.44 8.99
N GLY C 187 -7.32 20.39 8.46
CA GLY C 187 -7.88 20.46 7.12
C GLY C 187 -9.25 21.05 6.81
N GLY C 188 -10.25 20.56 7.50
CA GLY C 188 -11.61 21.05 7.29
C GLY C 188 -12.75 20.05 7.49
N TYR C 189 -13.75 20.17 6.64
CA TYR C 189 -14.90 19.29 6.72
C TYR C 189 -15.61 19.03 5.38
N ILE C 190 -15.76 17.76 5.06
CA ILE C 190 -16.40 17.36 3.84
C ILE C 190 -17.76 16.73 4.18
N SER C 191 -18.81 17.30 3.61
CA SER C 191 -20.15 16.80 3.87
C SER C 191 -21.16 16.76 2.70
N VAL C 192 -21.87 15.65 2.64
CA VAL C 192 -22.86 15.44 1.61
C VAL C 192 -24.29 15.58 2.14
N PHE C 193 -25.10 16.31 1.39
CA PHE C 193 -26.48 16.53 1.77
C PHE C 193 -27.47 16.44 0.60
N TYR C 194 -28.69 16.06 0.92
CA TYR C 194 -29.71 15.95 -0.11
C TYR C 194 -30.15 17.35 -0.56
N GLN C 195 -30.17 17.54 -1.87
CA GLN C 195 -30.56 18.82 -2.41
C GLN C 195 -32.09 18.89 -2.69
N THR C 196 -32.66 17.70 -2.79
CA THR C 196 -34.06 17.54 -3.03
C THR C 196 -34.37 16.29 -2.18
N ARG C 197 -34.02 15.15 -2.74
CA ARG C 197 -34.21 13.88 -2.10
C ARG C 197 -34.12 12.83 -3.22
N ILE C 198 -34.28 11.58 -2.84
CA ILE C 198 -34.23 10.50 -3.81
C ILE C 198 -35.67 10.15 -4.19
N VAL C 199 -35.92 10.14 -5.49
CA VAL C 199 -37.25 9.83 -5.99
C VAL C 199 -37.27 8.55 -6.83
N VAL C 200 -38.15 7.64 -6.46
CA VAL C 200 -38.29 6.39 -7.17
C VAL C 200 -39.75 6.06 -7.44
N PRO C 201 -39.97 5.32 -8.53
CA PRO C 201 -41.36 4.95 -8.84
C PRO C 201 -41.69 3.62 -8.20
N LEU C 202 -42.85 3.09 -8.51
CA LEU C 202 -43.24 1.80 -7.94
C LEU C 202 -42.44 0.64 -8.52
N SER C 203 -42.23 -0.37 -7.69
CA SER C 203 -41.47 -1.54 -8.08
C SER C 203 -39.94 -1.32 -8.21
N THR C 204 -39.45 -0.47 -7.33
CA THR C 204 -38.05 -0.13 -7.30
C THR C 204 -37.54 -0.13 -5.85
N PRO C 205 -36.33 -0.67 -5.69
CA PRO C 205 -35.75 -0.72 -4.36
C PRO C 205 -35.60 0.67 -3.73
N ARG C 206 -36.10 0.80 -2.52
CA ARG C 206 -36.04 2.06 -1.81
C ARG C 206 -34.71 2.45 -1.15
N GLU C 207 -33.73 1.59 -1.31
CA GLU C 207 -32.43 1.82 -0.75
C GLU C 207 -31.34 1.36 -1.74
N MET C 208 -30.25 2.11 -1.76
CA MET C 208 -29.16 1.79 -2.65
C MET C 208 -27.85 2.28 -2.05
N ASP C 209 -26.77 2.05 -2.76
CA ASP C 209 -25.46 2.47 -2.26
C ASP C 209 -24.66 3.44 -3.14
N ILE C 210 -23.72 4.12 -2.50
CA ILE C 210 -22.88 5.07 -3.19
C ILE C 210 -21.44 4.82 -2.73
N LEU C 211 -20.56 4.72 -3.72
CA LEU C 211 -19.16 4.49 -3.44
C LEU C 211 -18.37 5.78 -3.60
N GLY C 212 -17.29 5.89 -2.85
CA GLY C 212 -16.45 7.07 -2.91
C GLY C 212 -15.05 6.77 -3.38
N PHE C 213 -14.47 7.70 -4.11
CA PHE C 213 -13.12 7.54 -4.62
C PHE C 213 -12.27 8.80 -4.46
N VAL C 214 -11.29 8.70 -3.58
CA VAL C 214 -10.41 9.83 -3.35
C VAL C 214 -9.08 9.73 -4.13
N SER C 215 -8.64 10.89 -4.59
CA SER C 215 -7.42 10.99 -5.33
C SER C 215 -6.91 12.43 -5.25
N ALA C 216 -5.72 12.63 -5.79
CA ALA C 216 -5.11 13.93 -5.79
C ALA C 216 -5.04 14.60 -7.17
N CYS C 217 -4.89 15.90 -7.15
CA CYS C 217 -4.81 16.66 -8.38
C CYS C 217 -3.35 16.93 -8.70
N ASN C 218 -3.05 17.11 -9.98
CA ASN C 218 -1.67 17.37 -10.38
C ASN C 218 -0.69 18.22 -9.58
N ASP C 219 -1.23 19.08 -8.74
CA ASP C 219 -0.38 19.93 -7.92
C ASP C 219 -0.14 19.39 -6.51
N PHE C 220 -0.51 18.14 -6.32
CA PHE C 220 -0.34 17.49 -5.04
C PHE C 220 1.11 17.02 -4.85
N SER C 221 1.69 17.46 -3.76
CA SER C 221 3.06 17.10 -3.45
C SER C 221 3.28 16.71 -1.99
N VAL C 222 4.40 16.05 -1.74
CA VAL C 222 4.75 15.61 -0.41
C VAL C 222 6.23 15.81 -0.10
N ARG C 223 6.53 15.78 1.19
CA ARG C 223 7.92 15.95 1.62
C ARG C 223 8.26 15.37 3.03
N LEU C 224 9.54 15.07 3.17
CA LEU C 224 10.09 14.52 4.37
C LEU C 224 9.56 13.10 4.66
N LEU C 225 10.26 12.15 4.08
CA LEU C 225 9.92 10.76 4.23
C LEU C 225 10.11 10.21 5.64
N ARG C 226 9.18 9.39 6.07
CA ARG C 226 9.23 8.80 7.39
C ARG C 226 8.60 7.42 7.36
N ASP C 227 8.65 6.74 8.49
CA ASP C 227 8.05 5.40 8.55
C ASP C 227 6.58 5.46 8.91
N THR C 228 5.83 4.51 8.39
CA THR C 228 4.40 4.45 8.66
C THR C 228 4.10 3.68 9.96
N THR C 229 2.83 3.69 10.31
CA THR C 229 2.38 3.02 11.50
C THR C 229 1.43 1.84 11.21
N HIS C 230 1.01 1.79 9.96
CA HIS C 230 0.10 0.74 9.53
C HIS C 230 0.54 -0.74 9.41
N ILE C 231 1.55 -1.07 10.20
CA ILE C 231 2.09 -2.40 10.22
C ILE C 231 3.06 -2.44 11.38
N GLU C 232 3.23 -3.62 11.95
CA GLU C 232 4.15 -3.76 13.07
C GLU C 232 4.54 -5.24 13.32
N GLN C 233 5.84 -5.42 13.53
CA GLN C 233 6.36 -6.75 13.77
C GLN C 233 6.64 -6.98 15.26
N LYS C 234 5.67 -7.60 15.91
CA LYS C 234 5.80 -7.89 17.33
C LYS C 234 6.40 -9.27 17.69
N ALA C 235 7.61 -9.20 18.21
CA ALA C 235 8.34 -10.38 18.61
C ALA C 235 8.94 -11.30 17.51
C1 MYR D 1 38.65 13.42 -14.33
O1 MYR D 1 38.38 12.93 -13.22
C2 MYR D 1 39.86 14.30 -14.48
C3 MYR D 1 39.67 15.62 -13.72
C4 MYR D 1 40.65 15.76 -12.56
C5 MYR D 1 39.94 15.47 -11.24
C6 MYR D 1 40.90 15.02 -10.14
C7 MYR D 1 40.80 13.52 -9.86
C8 MYR D 1 40.95 13.19 -8.39
C9 MYR D 1 41.68 11.86 -8.17
C10 MYR D 1 40.85 10.65 -8.60
C11 MYR D 1 41.70 9.38 -8.70
C12 MYR D 1 41.06 8.31 -9.57
C13 MYR D 1 40.43 7.19 -8.76
C14 MYR D 1 41.17 5.87 -8.94
N GLY D 2 38.00 13.02 -15.42
CA GLY D 2 36.65 13.06 -16.03
C GLY D 2 35.55 13.22 -14.97
N ALA D 3 35.49 14.42 -14.41
CA ALA D 3 34.52 14.72 -13.39
C ALA D 3 33.10 15.04 -13.91
N GLN D 4 32.15 14.94 -13.01
CA GLN D 4 30.77 15.21 -13.34
C GLN D 4 30.25 16.35 -12.44
N VAL D 5 30.21 17.53 -13.02
CA VAL D 5 29.74 18.70 -12.31
C VAL D 5 28.27 18.91 -12.64
N SER D 6 27.46 18.97 -11.59
CA SER D 6 26.03 19.18 -11.76
C SER D 6 25.49 20.26 -10.84
N SER D 7 24.28 20.71 -11.16
CA SER D 7 23.66 21.74 -10.36
C SER D 7 22.82 21.31 -9.15
N GLN D 8 22.65 22.24 -8.23
CA GLN D 8 21.88 21.98 -7.03
C GLN D 8 20.70 22.95 -6.96
N LYS D 9 19.61 22.47 -6.40
CA LYS D 9 18.42 23.29 -6.27
C LYS D 9 18.60 24.01 -4.93
N VAL D 10 19.06 25.25 -5.00
CA VAL D 10 19.28 26.02 -3.79
C VAL D 10 18.02 26.25 -2.93
N GLY D 11 18.18 25.97 -1.65
CA GLY D 11 17.09 26.13 -0.71
C GLY D 11 17.17 27.45 0.04
N ALA D 12 17.91 27.44 1.14
CA ALA D 12 18.05 28.65 1.94
C ALA D 12 19.27 29.38 1.35
N HIS D 13 18.99 30.47 0.65
CA HIS D 13 20.04 31.24 0.04
C HIS D 13 20.79 32.11 1.04
N GLU D 14 22.07 31.84 1.19
CA GLU D 14 22.89 32.61 2.12
C GLU D 14 22.96 34.04 1.60
N ASN D 15 22.81 34.97 2.51
CA ASN D 15 22.86 36.38 2.16
C ASN D 15 23.96 36.65 1.14
N SER D 16 24.16 35.70 0.25
CA SER D 16 25.19 35.84 -0.76
C SER D 16 24.75 35.58 -2.22
N ASN D 17 25.46 36.24 -3.11
CA ASN D 17 25.22 36.13 -4.52
C ASN D 17 26.61 36.60 -5.04
N ARG D 18 27.54 36.61 -4.11
CA ARG D 18 28.88 37.01 -4.34
C ARG D 18 29.69 35.73 -4.03
N ALA D 19 29.01 34.61 -4.21
CA ALA D 19 29.60 33.32 -3.98
C ALA D 19 28.54 32.21 -3.91
N TYR D 20 27.83 32.20 -2.80
CA TYR D 20 26.79 31.21 -2.58
C TYR D 20 25.44 31.57 -3.23
N GLY D 21 24.38 31.24 -2.51
CA GLY D 21 23.05 31.51 -2.97
C GLY D 21 22.84 31.91 -4.43
N GLY D 22 23.06 33.17 -4.70
CA GLY D 22 22.89 33.69 -6.05
C GLY D 22 23.39 32.83 -7.21
N SER D 23 24.59 33.15 -7.67
CA SER D 23 25.18 32.41 -8.77
C SER D 23 25.08 30.89 -8.59
N THR D 24 24.54 30.25 -9.61
CA THR D 24 24.37 28.81 -9.59
C THR D 24 25.45 27.94 -8.88
N ILE D 25 24.97 27.20 -7.90
CA ILE D 25 25.83 26.34 -7.13
C ILE D 25 25.89 24.93 -7.72
N ASN D 26 27.11 24.53 -8.05
CA ASN D 26 27.34 23.23 -8.64
C ASN D 26 28.21 22.30 -7.81
N TYR D 27 28.04 21.01 -8.03
CA TYR D 27 28.83 20.03 -7.29
C TYR D 27 29.56 19.04 -8.23
N THR D 28 30.72 18.63 -7.79
CA THR D 28 31.52 17.70 -8.57
C THR D 28 31.30 16.24 -8.14
N THR D 29 31.43 15.36 -9.11
CA THR D 29 31.25 13.94 -8.87
C THR D 29 32.19 13.09 -9.75
N ILE D 30 33.02 12.32 -9.07
CA ILE D 30 33.96 11.46 -9.76
C ILE D 30 33.80 9.99 -9.34
N ASN D 31 33.65 9.15 -10.35
CA ASN D 31 33.48 7.73 -10.11
C ASN D 31 34.82 7.07 -9.80
N TYR D 32 34.85 6.34 -8.70
CA TYR D 32 36.06 5.67 -8.29
C TYR D 32 36.14 4.16 -8.52
N TYR D 33 35.03 3.58 -8.89
CA TYR D 33 35.01 2.14 -9.14
C TYR D 33 34.61 1.77 -10.57
N ARG D 34 35.03 0.58 -10.98
CA ARG D 34 34.71 0.12 -12.31
C ARG D 34 33.27 -0.28 -12.59
N ASP D 35 32.57 -0.65 -11.53
CA ASP D 35 31.17 -1.06 -11.69
C ASP D 35 30.04 -0.03 -11.51
N SER D 36 29.09 -0.11 -12.42
CA SER D 36 27.95 0.76 -12.40
C SER D 36 27.18 0.67 -11.08
N ALA D 37 27.22 -0.52 -10.50
CA ALA D 37 26.56 -0.78 -9.26
C ALA D 37 27.18 0.20 -8.27
N SER D 38 28.50 0.20 -8.22
CA SER D 38 29.24 1.05 -7.33
C SER D 38 29.01 2.57 -7.39
N ASN D 39 28.40 3.01 -8.46
CA ASN D 39 28.12 4.43 -8.63
C ASN D 39 27.15 5.01 -7.63
N ALA D 40 27.24 6.30 -7.42
CA ALA D 40 26.34 6.97 -6.49
C ALA D 40 24.99 7.15 -7.17
N ALA D 41 24.00 7.48 -6.37
CA ALA D 41 22.67 7.69 -6.88
C ALA D 41 22.47 9.15 -7.30
N SER D 42 22.43 9.35 -8.61
CA SER D 42 22.27 10.69 -9.15
C SER D 42 21.12 11.54 -8.63
N LYS D 43 19.96 10.93 -8.51
CA LYS D 43 18.79 11.64 -8.02
C LYS D 43 18.14 12.64 -9.00
N GLN D 44 18.82 12.86 -10.11
CA GLN D 44 18.35 13.78 -11.11
C GLN D 44 17.49 12.91 -12.05
N ASP D 45 16.41 12.40 -11.46
CA ASP D 45 15.49 11.56 -12.18
C ASP D 45 14.33 12.32 -12.83
N PHE D 46 13.75 11.70 -13.83
CA PHE D 46 12.64 12.30 -14.54
C PHE D 46 11.28 12.29 -13.79
N SER D 47 10.25 12.56 -14.56
CA SER D 47 8.90 12.59 -14.08
C SER D 47 8.04 12.41 -15.33
N GLN D 48 6.97 11.65 -15.16
CA GLN D 48 6.07 11.41 -16.28
C GLN D 48 4.58 11.72 -15.99
N ASP D 49 3.80 11.59 -17.05
CA ASP D 49 2.39 11.82 -16.96
C ASP D 49 1.70 10.57 -16.41
N PRO D 50 0.92 10.78 -15.36
CA PRO D 50 0.20 9.69 -14.74
C PRO D 50 -0.89 9.01 -15.58
N SER D 51 -0.85 9.26 -16.87
CA SER D 51 -1.83 8.67 -17.76
C SER D 51 -1.91 7.17 -17.94
N LYS D 52 -0.81 6.49 -17.68
CA LYS D 52 -0.80 5.04 -17.81
C LYS D 52 -1.49 4.40 -16.57
N PHE D 53 -2.20 5.25 -15.87
CA PHE D 53 -2.92 4.85 -14.69
C PHE D 53 -4.25 5.63 -14.67
N THR D 54 -4.12 6.94 -14.80
CA THR D 54 -5.27 7.80 -14.80
C THR D 54 -6.28 7.59 -15.93
N GLU D 55 -5.76 7.57 -17.14
CA GLU D 55 -6.60 7.38 -18.30
C GLU D 55 -6.13 6.16 -19.06
N PRO D 56 -6.51 4.99 -18.58
CA PRO D 56 -6.09 3.77 -19.27
C PRO D 56 -7.03 3.47 -20.45
N ILE D 57 -7.81 4.47 -20.81
CA ILE D 57 -8.75 4.32 -21.90
C ILE D 57 -8.28 4.43 -23.39
N LYS D 58 -8.91 3.60 -24.18
CA LYS D 58 -8.63 3.52 -25.59
C LYS D 58 -8.90 4.80 -26.39
N ASP D 59 -10.01 5.42 -26.09
CA ASP D 59 -10.38 6.66 -26.77
C ASP D 59 -9.78 7.81 -25.97
N VAL D 60 -9.75 8.97 -26.59
CA VAL D 60 -9.21 10.15 -25.93
C VAL D 60 -10.22 10.97 -25.08
N LEU D 61 -9.79 11.22 -23.86
CA LEU D 61 -10.60 11.96 -22.93
C LEU D 61 -10.42 13.49 -22.95
N ILE D 62 -11.55 14.17 -23.08
CA ILE D 62 -11.55 15.60 -23.11
C ILE D 62 -12.35 16.00 -21.88
N LYS D 63 -11.65 16.49 -20.88
CA LYS D 63 -12.30 16.89 -19.64
C LYS D 63 -13.47 17.85 -19.54
N THR D 64 -14.01 18.22 -20.69
CA THR D 64 -15.13 19.14 -20.71
C THR D 64 -16.41 18.55 -21.33
N ALA D 65 -16.21 17.49 -22.08
CA ALA D 65 -17.30 16.82 -22.74
C ALA D 65 -17.80 15.62 -21.95
N PRO D 66 -18.98 15.14 -22.29
CA PRO D 66 -19.54 13.99 -21.60
C PRO D 66 -18.73 12.67 -21.74
N MET D 67 -18.40 12.14 -20.58
CA MET D 67 -17.65 10.92 -20.49
C MET D 67 -18.17 9.75 -21.36
N LEU D 68 -19.46 9.49 -21.19
CA LEU D 68 -20.12 8.45 -21.90
C LEU D 68 -21.05 9.14 -22.89
N ASN D 69 -20.75 8.96 -24.17
CA ASN D 69 -21.55 9.56 -25.21
C ASN D 69 -22.06 8.44 -26.11
N GLN E 1 12.98 8.30 28.39
CA GLN E 1 12.40 7.23 29.25
C GLN E 1 12.02 8.03 30.52
N VAL E 2 10.81 8.56 30.48
CA VAL E 2 10.30 9.34 31.57
C VAL E 2 9.89 8.50 32.79
N GLN E 3 9.77 9.20 33.91
CA GLN E 3 9.38 8.57 35.15
C GLN E 3 8.36 9.48 35.85
N LEU E 4 7.17 8.93 36.02
CA LEU E 4 6.10 9.63 36.64
C LEU E 4 5.99 9.53 38.18
N GLN E 5 5.35 10.53 38.76
CA GLN E 5 5.18 10.58 40.18
C GLN E 5 3.83 11.22 40.54
N GLU E 6 3.03 10.47 41.25
CA GLU E 6 1.72 10.97 41.66
C GLU E 6 1.81 11.60 43.06
N SER E 7 1.67 12.91 43.08
CA SER E 7 1.72 13.64 44.33
C SER E 7 0.51 14.55 44.53
N GLY E 8 0.38 15.06 45.74
CA GLY E 8 -0.73 15.93 46.07
C GLY E 8 -2.08 15.22 46.01
N GLY E 9 -2.19 14.17 46.79
CA GLY E 9 -3.43 13.41 46.83
C GLY E 9 -3.79 12.92 48.23
N GLY E 10 -5.06 13.07 48.57
CA GLY E 10 -5.52 12.64 49.87
C GLY E 10 -7.03 12.67 50.19
N SER E 11 -7.30 12.64 51.48
CA SER E 11 -8.66 12.65 51.96
C SER E 11 -9.26 14.07 52.03
N VAL E 12 -10.56 14.12 51.75
CA VAL E 12 -11.26 15.38 51.77
C VAL E 12 -12.72 14.97 51.95
N GLN E 13 -13.57 15.96 52.09
CA GLN E 13 -14.99 15.69 52.26
C GLN E 13 -15.71 15.69 50.90
N ALA E 14 -17.02 15.56 50.98
CA ALA E 14 -17.84 15.55 49.79
C ALA E 14 -18.27 16.99 49.46
N GLY E 15 -18.18 17.32 48.18
CA GLY E 15 -18.54 18.63 47.72
C GLY E 15 -17.36 19.55 47.43
N GLY E 16 -16.28 19.32 48.16
CA GLY E 16 -15.10 20.11 47.99
C GLY E 16 -14.27 19.92 46.70
N SER E 17 -13.03 20.38 46.79
CA SER E 17 -12.12 20.29 45.67
C SER E 17 -10.67 20.01 46.11
N LEU E 18 -10.00 19.23 45.29
CA LEU E 18 -8.63 18.87 45.57
C LEU E 18 -7.79 18.86 44.27
N THR E 19 -6.53 19.21 44.44
CA THR E 19 -5.61 19.25 43.32
C THR E 19 -4.61 18.08 43.36
N LEU E 20 -4.24 17.63 42.18
CA LEU E 20 -3.30 16.53 42.06
C LEU E 20 -2.13 16.92 41.15
N SER E 21 -0.94 16.63 41.63
CA SER E 21 0.27 16.93 40.88
C SER E 21 0.96 15.70 40.30
N CYS E 22 1.49 15.87 39.10
CA CYS E 22 2.19 14.79 38.44
C CYS E 22 3.50 15.23 37.76
N ALA E 23 4.54 15.27 38.56
CA ALA E 23 5.85 15.65 38.08
C ALA E 23 6.45 14.46 37.33
N ALA E 24 7.37 14.78 36.43
CA ALA E 24 8.02 13.72 35.66
C ALA E 24 9.51 13.89 35.27
N SER E 25 10.14 12.75 35.09
CA SER E 25 11.53 12.72 34.74
C SER E 25 11.91 13.12 33.30
N GLY E 26 13.13 13.61 33.18
CA GLY E 26 13.64 14.03 31.89
C GLY E 26 13.77 15.52 31.63
N ILE E 27 13.46 16.00 30.40
CA ILE E 27 12.98 15.18 29.23
C ILE E 27 11.64 14.49 29.63
N THR E 28 10.73 15.35 30.02
CA THR E 28 9.42 14.93 30.45
C THR E 28 8.37 14.82 29.33
N TYR E 29 7.79 15.94 28.99
CA TYR E 29 6.79 16.00 27.97
C TYR E 29 7.28 15.44 26.65
N CYS E 30 8.56 15.12 26.60
CA CYS E 30 9.16 14.57 25.41
C CYS E 30 8.64 13.18 24.96
N MET E 31 8.02 12.51 25.91
CA MET E 31 7.47 11.20 25.65
C MET E 31 6.05 11.60 25.24
N GLY E 32 5.75 12.87 25.45
CA GLY E 32 4.48 13.42 25.12
C GLY E 32 3.22 12.95 25.86
N TRP E 33 2.08 13.31 25.29
CA TRP E 33 0.79 12.97 25.80
C TRP E 33 0.41 12.47 27.21
N TYR E 34 0.43 13.40 28.14
CA TYR E 34 0.11 13.09 29.50
C TYR E 34 -1.36 12.82 29.74
N ARG E 35 -1.64 11.94 30.69
CA ARG E 35 -3.02 11.60 30.98
C ARG E 35 -3.34 11.49 32.48
N GLN E 36 -4.60 11.22 32.74
CA GLN E 36 -5.09 11.06 34.07
C GLN E 36 -6.14 9.94 33.90
N VAL E 37 -5.77 8.78 34.40
CA VAL E 37 -6.63 7.63 34.31
C VAL E 37 -6.92 7.12 35.74
N ARG E 38 -8.13 7.37 36.16
CA ARG E 38 -8.54 6.95 37.49
C ARG E 38 -8.98 5.47 37.58
N GLY E 39 -10.04 5.27 38.34
CA GLY E 39 -10.61 3.98 38.54
C GLY E 39 -9.82 3.24 39.60
N LYS E 40 -10.52 2.39 40.31
CA LYS E 40 -9.91 1.59 41.36
C LYS E 40 -8.99 0.67 40.50
N GLU E 41 -9.52 0.32 39.35
CA GLU E 41 -8.84 -0.53 38.42
C GLU E 41 -8.18 0.20 37.23
N ARG E 42 -9.02 0.55 36.28
CA ARG E 42 -8.59 1.22 35.09
C ARG E 42 -9.73 1.93 34.32
N GLU E 43 -9.64 3.24 34.29
CA GLU E 43 -10.61 4.05 33.61
C GLU E 43 -10.15 5.49 33.48
N GLY E 44 -10.17 5.99 32.26
CA GLY E 44 -9.75 7.35 32.00
C GLY E 44 -10.58 8.52 32.54
N VAL E 45 -9.93 9.68 32.58
CA VAL E 45 -10.58 10.86 33.07
C VAL E 45 -10.20 12.07 32.20
N ALA E 46 -8.91 12.37 32.20
CA ALA E 46 -8.40 13.48 31.45
C ALA E 46 -7.28 13.02 30.51
N PHE E 47 -7.13 13.73 29.41
CA PHE E 47 -6.11 13.39 28.44
C PHE E 47 -5.59 14.74 28.03
N ILE E 48 -4.34 14.79 27.62
CA ILE E 48 -3.77 16.07 27.19
C ILE E 48 -2.53 15.97 26.27
N LYS E 49 -2.46 16.92 25.36
CA LYS E 49 -1.39 17.00 24.42
C LYS E 49 -0.31 18.01 24.85
N THR E 50 0.91 17.53 24.88
CA THR E 50 2.04 18.36 25.27
C THR E 50 2.20 19.63 24.40
N ASN E 51 1.71 19.53 23.19
CA ASN E 51 1.79 20.63 22.25
C ASN E 51 0.39 21.22 22.11
N ASP E 52 0.31 22.26 21.31
CA ASP E 52 -0.95 22.93 21.06
C ASP E 52 -1.88 23.19 22.26
N GLY E 53 -3.06 22.61 22.17
CA GLY E 53 -4.05 22.76 23.21
C GLY E 53 -3.76 21.73 24.26
N THR E 54 -4.42 20.56 24.27
CA THR E 54 -5.46 20.07 23.34
C THR E 54 -6.26 19.14 24.27
N THR E 55 -7.17 19.74 25.00
CA THR E 55 -7.99 19.01 25.93
C THR E 55 -9.16 18.09 25.48
N ASP E 56 -9.54 17.23 26.41
CA ASP E 56 -10.59 16.30 26.20
C ASP E 56 -10.76 15.64 27.57
N TYR E 57 -12.00 15.34 27.91
CA TYR E 57 -12.29 14.71 29.18
C TYR E 57 -13.31 13.59 29.06
N ALA E 58 -13.23 12.66 29.99
CA ALA E 58 -14.15 11.53 29.99
C ALA E 58 -15.58 12.06 30.20
N ASP E 59 -16.47 11.56 29.37
CA ASP E 59 -17.86 11.95 29.44
C ASP E 59 -18.46 11.90 30.86
N SER E 60 -17.94 10.96 31.63
CA SER E 60 -18.38 10.78 32.98
C SER E 60 -17.98 11.87 33.97
N VAL E 61 -16.94 12.59 33.60
CA VAL E 61 -16.44 13.67 34.43
C VAL E 61 -16.54 15.06 33.80
N LYS E 62 -16.77 15.06 32.50
CA LYS E 62 -16.90 16.28 31.75
C LYS E 62 -17.52 17.50 32.47
N GLY E 63 -16.75 18.57 32.49
CA GLY E 63 -17.19 19.79 33.11
C GLY E 63 -17.02 19.97 34.61
N ARG E 64 -15.94 19.41 35.12
CA ARG E 64 -15.66 19.50 36.55
C ARG E 64 -14.15 19.25 36.88
N PHE E 65 -13.45 18.85 35.85
CA PHE E 65 -12.06 18.57 35.93
C PHE E 65 -11.27 19.30 34.83
N THR E 66 -9.99 19.46 35.08
CA THR E 66 -9.12 20.12 34.14
C THR E 66 -7.67 19.64 34.30
N ILE E 67 -7.05 19.36 33.17
CA ILE E 67 -5.68 18.91 33.17
C ILE E 67 -4.82 20.01 32.57
N SER E 68 -3.78 20.37 33.30
CA SER E 68 -2.89 21.42 32.82
C SER E 68 -1.38 21.09 32.69
N GLN E 69 -0.75 21.84 31.81
CA GLN E 69 0.67 21.65 31.57
C GLN E 69 1.67 22.71 32.00
N ASN E 70 2.57 22.30 32.86
CA ASN E 70 3.59 23.21 33.34
C ASN E 70 4.91 22.66 32.77
N HIS E 71 5.19 23.06 31.56
CA HIS E 71 6.39 22.64 30.88
C HIS E 71 7.71 23.04 31.51
N ALA E 72 7.66 24.05 32.35
CA ALA E 72 8.85 24.54 33.01
C ALA E 72 9.29 23.67 34.20
N THR E 73 8.30 23.29 34.99
CA THR E 73 8.54 22.46 36.14
C THR E 73 8.54 21.00 35.68
N LYS E 74 7.74 20.74 34.67
CA LYS E 74 7.62 19.40 34.15
C LYS E 74 6.54 18.62 34.94
N THR E 75 5.56 19.37 35.38
CA THR E 75 4.47 18.81 36.14
C THR E 75 3.08 19.02 35.50
N VAL E 76 2.31 17.94 35.55
CA VAL E 76 0.97 17.95 35.00
C VAL E 76 0.03 17.77 36.22
N TYR E 77 -0.92 18.68 36.30
CA TYR E 77 -1.88 18.65 37.37
C TYR E 77 -3.28 18.08 37.04
N LEU E 78 -4.18 18.25 37.99
CA LEU E 78 -5.53 17.79 37.85
C LEU E 78 -6.42 18.41 38.93
N GLN E 79 -7.14 19.44 38.53
CA GLN E 79 -8.03 20.12 39.45
C GLN E 79 -9.42 19.45 39.50
N MET E 80 -9.66 18.78 40.61
CA MET E 80 -10.92 18.11 40.80
C MET E 80 -11.82 18.92 41.71
N ASN E 81 -12.95 19.35 41.17
CA ASN E 81 -13.89 20.12 41.95
C ASN E 81 -15.19 19.39 42.26
N SER E 82 -16.06 20.07 43.00
CA SER E 82 -17.33 19.51 43.37
C SER E 82 -17.32 17.97 43.53
N LEU E 83 -16.37 17.52 44.32
CA LEU E 83 -16.21 16.11 44.56
C LEU E 83 -17.45 15.41 45.17
N LYS E 84 -17.56 14.14 44.83
CA LYS E 84 -18.67 13.34 45.30
C LYS E 84 -18.16 11.95 45.57
N PRO E 85 -18.63 11.35 46.65
CA PRO E 85 -18.20 10.01 47.00
C PRO E 85 -17.75 8.98 45.95
N GLU E 86 -18.28 9.15 44.75
CA GLU E 86 -17.93 8.25 43.67
C GLU E 86 -16.58 8.62 43.06
N ASP E 87 -15.99 9.67 43.60
CA ASP E 87 -14.71 10.15 43.13
C ASP E 87 -13.51 9.57 43.90
N THR E 88 -13.84 8.80 44.91
CA THR E 88 -12.81 8.18 45.73
C THR E 88 -12.29 7.01 44.88
N ALA E 89 -11.20 7.28 44.17
CA ALA E 89 -10.60 6.28 43.32
C ALA E 89 -9.06 6.32 43.35
N ALA E 90 -8.48 5.32 42.71
CA ALA E 90 -7.04 5.22 42.65
C ALA E 90 -6.51 6.02 41.44
N TYR E 91 -6.04 7.21 41.73
CA TYR E 91 -5.51 8.07 40.68
C TYR E 91 -4.07 7.84 40.21
N TYR E 92 -3.91 7.92 38.91
CA TYR E 92 -2.62 7.73 38.29
C TYR E 92 -2.45 8.72 37.12
N CYS E 93 -1.27 8.70 36.56
CA CYS E 93 -0.94 9.56 35.44
C CYS E 93 -0.21 8.75 34.38
N ALA E 94 -0.45 9.12 33.13
CA ALA E 94 0.19 8.41 32.03
C ALA E 94 0.79 9.18 30.82
N ALA E 95 1.46 8.41 29.98
CA ALA E 95 2.08 8.97 28.81
C ALA E 95 2.45 7.93 27.72
N THR E 96 2.45 8.41 26.49
CA THR E 96 2.78 7.62 25.35
C THR E 96 2.96 8.74 24.38
N TRP E 97 3.99 8.64 23.54
CA TRP E 97 4.19 9.76 22.58
C TRP E 97 3.15 9.64 21.48
N ARG E 98 2.90 8.41 21.06
CA ARG E 98 1.93 8.18 19.99
C ARG E 98 0.82 9.23 20.17
N TRP E 99 0.83 10.21 19.27
CA TRP E 99 -0.15 11.27 19.31
C TRP E 99 -1.66 10.96 19.36
N SER E 100 -1.95 9.68 19.44
CA SER E 100 -3.34 9.25 19.49
C SER E 100 -3.74 8.48 20.78
N CYS E 101 -4.09 7.23 20.57
CA CYS E 101 -4.51 6.35 21.61
C CYS E 101 -4.80 6.76 23.07
N PRO E 102 -5.89 7.47 23.25
CA PRO E 102 -6.29 7.91 24.56
C PRO E 102 -7.46 7.08 25.10
N LEU E 103 -7.93 6.16 24.26
CA LEU E 103 -9.03 5.31 24.65
C LEU E 103 -8.71 3.84 24.93
N ASP E 104 -7.50 3.61 25.38
CA ASP E 104 -7.06 2.27 25.69
C ASP E 104 -6.02 2.29 26.81
N PRO E 105 -6.38 1.67 27.93
CA PRO E 105 -5.46 1.63 29.05
C PRO E 105 -4.13 0.90 28.78
N GLU E 106 -4.22 -0.15 27.98
CA GLU E 106 -3.03 -0.92 27.66
C GLU E 106 -2.21 -0.41 26.48
N GLY E 107 -2.55 0.78 26.02
CA GLY E 107 -1.85 1.38 24.91
C GLY E 107 -0.63 2.16 25.39
N TYR E 108 -0.58 2.37 26.70
CA TYR E 108 0.51 3.09 27.30
C TYR E 108 1.85 2.37 27.52
N GLN E 109 2.86 3.16 27.83
CA GLN E 109 4.18 2.64 28.08
C GLN E 109 4.69 3.14 29.43
N TYR E 110 4.18 4.28 29.84
CA TYR E 110 4.60 4.87 31.10
C TYR E 110 3.51 5.00 32.18
N TRP E 111 3.90 4.64 33.39
CA TRP E 111 3.02 4.71 34.51
C TRP E 111 3.77 5.08 35.80
N GLY E 112 3.05 5.76 36.68
CA GLY E 112 3.64 6.17 37.93
C GLY E 112 3.21 5.22 39.03
N GLN E 113 3.45 5.62 40.27
CA GLN E 113 3.07 4.77 41.39
C GLN E 113 1.67 4.92 41.99
N GLY E 114 1.13 6.12 41.86
CA GLY E 114 -0.19 6.39 42.36
C GLY E 114 -0.43 7.14 43.68
N THR E 115 -1.66 7.57 43.86
CA THR E 115 -2.04 8.29 45.05
C THR E 115 -3.57 8.12 45.26
N GLN E 116 -3.89 7.55 46.41
CA GLN E 116 -5.27 7.33 46.76
C GLN E 116 -5.97 8.61 47.26
N VAL E 117 -7.06 8.93 46.60
CA VAL E 117 -7.82 10.10 46.96
C VAL E 117 -9.15 9.63 47.56
N THR E 118 -9.52 10.28 48.65
CA THR E 118 -10.74 9.93 49.34
C THR E 118 -11.74 11.08 49.51
N VAL E 119 -12.92 10.86 48.95
CA VAL E 119 -13.97 11.86 49.03
C VAL E 119 -14.85 11.29 50.16
N SER E 120 -14.50 11.68 51.37
CA SER E 120 -15.21 11.24 52.55
C SER E 120 -16.64 11.79 52.65
N SER E 121 -17.57 10.88 52.83
CA SER E 121 -18.96 11.25 52.95
C SER E 121 -19.12 11.82 54.36
N HIS E 122 -18.98 13.14 54.44
CA HIS E 122 -19.12 13.80 55.73
C HIS E 122 -20.55 14.35 55.75
N HIS E 123 -20.94 14.92 54.63
CA HIS E 123 -22.27 15.47 54.51
C HIS E 123 -23.18 14.66 53.57
C1 PLM F . 12.63 -10.98 -5.64
O1 PLM F . 11.73 -10.12 -5.55
O2 PLM F . 12.63 -11.86 -6.53
C2 PLM F . 13.77 -10.96 -4.62
C3 PLM F . 14.59 -9.66 -4.57
C4 PLM F . 15.57 -9.58 -3.39
C5 PLM F . 16.92 -8.93 -3.73
C6 PLM F . 18.04 -9.44 -2.82
C7 PLM F . 19.25 -9.87 -3.64
C8 PLM F . 20.34 -10.54 -2.80
C9 PLM F . 21.54 -10.97 -3.64
CA PLM F . 22.80 -11.34 -2.86
CB PLM F . 23.91 -10.40 -3.30
CC PLM F . 25.33 -10.78 -2.92
CD PLM F . 25.77 -10.23 -1.56
CE PLM F . 27.29 -10.26 -1.43
CF PLM F . 27.75 -10.07 0.02
CG PLM F . 29.26 -9.93 0.08
#